data_6D9W
#
_entry.id   6D9W
#
_cell.length_a   113.131
_cell.length_b   132.077
_cell.length_c   220.995
_cell.angle_alpha   90.00
_cell.angle_beta   90.00
_cell.angle_gamma   90.00
#
_symmetry.space_group_name_H-M   'I 2 2 2'
#
loop_
_entity.id
_entity.type
_entity.pdbx_description
1 polymer 'Divalent metal cation transporter MntH'
2 polymer 'Fab Heavy Chain'
3 polymer 'Fab Light Chain'
4 non-polymer 'OSMIUM ION'
#
loop_
_entity_poly.entity_id
_entity_poly.type
_entity_poly.pdbx_seq_one_letter_code
_entity_poly.pdbx_strand_id
1 'polypeptide(L)'
;MHHHHHHHHATLRGTAGPRGVRRILPFLGPAVIASIAYMDPGNFATNIEGGARYGYSLLWVILAANLMAMVIQNLSANLG
IASGRNLPELIRERWPRPLVWFYWIQAELVAMATDLAEFLGAALAIQLLTGLPMFWGAVVTGVVTFWLLNLHHRGTRPLE
LAVGAFVLMIGVAYLVQVVLARPDLAAVGAGFVPRLQGPGSAYLAVGIIGATVMPHVIYLHSALTQGRIQTDTTYYYRRL
VRLNRVDVIAAMGLAGLINMSMLAVAAATFHGKNVENAGDLTTAYQTLTPLLGPAASVLFAVALLASGLSSSAVGTMAGD
VIMQGFMGFHIPLWLRRLITMLPAFIVILLGMDPSSVLILSQVILCFGVPFALVPLLLFTAHHDVMGALVTRRSFTVIGW
VIAVIIIALNGYLLWELLGG
;
A
2 'polypeptide(L)'
;QVQLTESGPGLVAPSQSLSITCTVSGFSLTSYGVHWVRQPPGKGLEWLVVIWSDGSTTYNSALKSRLSISKDNSKSQVFL
KMNSLQTDDTAMYYCAREPPYGYWGQGTTLTVSSAKTTPPSVYPLAPGCASTTGSSVTLGCLVKGYFPESVTVTWNSGSL
SSSVHTFPALLQSGLYTMSSSVTVPSSTWPSQTVTCSVAHPASSTTVDKKLEP
;
H
3 'polypeptide(L)'
;DIELTQSPATLSVTPGDSVSLSCRASQSISNNLHWYQQKSHESPRLLIKYVSQSSSGIPSRFSGSGSGTDFTLSINSVET
EDFGMYFCQQSNSWPRTFGGGTKLEIKRADAAPTVSIFPPSSEQLTSGGASVVCFLNNFYPKDINVKWKIDGSERQNGVL
NSWTDQDSKDSTYSMSSTLTLTKDEYERHNSYTCEATHKTSTSPIVKSFNRNE
;
L
#
loop_
_chem_comp.id
_chem_comp.type
_chem_comp.name
_chem_comp.formula
OS non-polymer 'OSMIUM ION' 'Os 3'
#
# COMPACT_ATOMS: atom_id res chain seq x y z
N PHE A 27 -11.90 -22.91 29.33
CA PHE A 27 -12.79 -23.96 29.79
C PHE A 27 -14.11 -23.94 29.03
N LEU A 28 -15.04 -24.81 29.41
CA LEU A 28 -16.34 -24.87 28.76
C LEU A 28 -17.27 -23.77 29.25
N GLY A 29 -17.12 -23.34 30.50
CA GLY A 29 -17.94 -22.29 31.06
C GLY A 29 -17.62 -20.92 30.53
N PRO A 30 -16.41 -20.42 30.82
CA PRO A 30 -16.07 -19.04 30.44
C PRO A 30 -16.10 -18.77 28.95
N ALA A 31 -15.68 -19.72 28.11
CA ALA A 31 -15.67 -19.48 26.67
C ALA A 31 -17.10 -19.24 26.15
N VAL A 32 -18.03 -20.11 26.53
CA VAL A 32 -19.41 -19.95 26.11
C VAL A 32 -20.02 -18.71 26.73
N ILE A 33 -19.70 -18.43 28.00
CA ILE A 33 -20.23 -17.24 28.66
C ILE A 33 -19.78 -15.98 27.93
N ALA A 34 -18.52 -15.95 27.48
CA ALA A 34 -18.02 -14.80 26.75
C ALA A 34 -18.68 -14.68 25.37
N SER A 35 -18.72 -15.78 24.62
CA SER A 35 -19.33 -15.75 23.31
C SER A 35 -20.78 -15.31 23.37
N ILE A 36 -21.48 -15.65 24.45
CA ILE A 36 -22.87 -15.22 24.61
C ILE A 36 -22.93 -13.77 25.10
N ALA A 37 -22.01 -13.37 25.97
CA ALA A 37 -22.11 -12.06 26.60
C ALA A 37 -21.73 -10.94 25.66
N TYR A 38 -20.88 -11.20 24.65
CA TYR A 38 -20.51 -10.13 23.73
C TYR A 38 -21.46 -10.13 22.53
N MET A 39 -21.41 -11.19 21.72
CA MET A 39 -22.47 -11.61 20.80
C MET A 39 -23.30 -10.47 20.21
N ASP A 40 -22.66 -9.43 19.71
CA ASP A 40 -23.41 -8.27 19.22
C ASP A 40 -22.74 -7.69 17.97
N PRO A 41 -23.53 -7.12 17.07
CA PRO A 41 -22.95 -6.49 15.87
C PRO A 41 -22.19 -5.20 16.15
N GLY A 42 -22.36 -4.60 17.33
CA GLY A 42 -21.62 -3.38 17.64
C GLY A 42 -20.14 -3.63 17.78
N ASN A 43 -19.76 -4.62 18.59
CA ASN A 43 -18.35 -4.98 18.73
C ASN A 43 -17.75 -5.45 17.42
N PHE A 44 -18.57 -6.05 16.54
CA PHE A 44 -18.07 -6.47 15.24
C PHE A 44 -17.81 -5.27 14.34
N ALA A 45 -18.78 -4.37 14.21
CA ALA A 45 -18.66 -3.27 13.28
C ALA A 45 -17.61 -2.26 13.73
N THR A 46 -17.62 -1.90 15.02
CA THR A 46 -16.68 -0.89 15.50
C THR A 46 -15.23 -1.39 15.51
N ASN A 47 -15.02 -2.71 15.56
CA ASN A 47 -13.65 -3.23 15.57
C ASN A 47 -13.06 -3.37 14.17
N ILE A 48 -13.90 -3.44 13.13
CA ILE A 48 -13.35 -3.47 11.79
C ILE A 48 -13.06 -2.07 11.28
N GLU A 49 -13.87 -1.08 11.69
CA GLU A 49 -13.58 0.32 11.36
C GLU A 49 -12.20 0.72 11.88
N GLY A 50 -11.90 0.37 13.13
CA GLY A 50 -10.63 0.74 13.73
C GLY A 50 -9.43 0.04 13.12
N GLY A 51 -9.64 -1.10 12.48
CA GLY A 51 -8.54 -1.78 11.83
C GLY A 51 -8.12 -1.14 10.53
N ALA A 52 -9.05 -0.47 9.84
CA ALA A 52 -8.78 0.14 8.55
C ALA A 52 -8.71 1.67 8.63
N ARG A 53 -8.76 2.25 9.81
CA ARG A 53 -8.60 3.68 10.00
C ARG A 53 -7.41 4.04 10.87
N TYR A 54 -7.13 3.23 11.90
CA TYR A 54 -5.97 3.49 12.76
C TYR A 54 -5.22 2.20 13.08
N GLY A 55 -5.50 1.12 12.34
CA GLY A 55 -4.75 -0.12 12.42
C GLY A 55 -4.61 -0.68 13.81
N TYR A 56 -3.36 -0.83 14.26
CA TYR A 56 -3.07 -1.40 15.56
C TYR A 56 -3.11 -0.36 16.69
N SER A 57 -3.27 0.92 16.37
CA SER A 57 -3.27 1.98 17.38
C SER A 57 -4.58 2.06 18.15
N LEU A 58 -5.48 1.09 18.01
CA LEU A 58 -6.72 1.04 18.77
C LEU A 58 -6.77 -0.13 19.73
N LEU A 59 -5.72 -0.96 19.77
CA LEU A 59 -5.62 -1.98 20.80
C LEU A 59 -5.62 -1.36 22.19
N TRP A 60 -5.12 -0.13 22.32
CA TRP A 60 -5.23 0.60 23.58
C TRP A 60 -6.69 0.83 23.94
N VAL A 61 -7.51 1.25 22.97
CA VAL A 61 -8.93 1.46 23.23
C VAL A 61 -9.57 0.15 23.68
N ILE A 62 -9.27 -0.93 22.97
CA ILE A 62 -9.85 -2.24 23.31
C ILE A 62 -9.47 -2.64 24.73
N LEU A 63 -8.17 -2.51 25.05
CA LEU A 63 -7.68 -2.92 26.36
C LEU A 63 -8.29 -2.10 27.47
N ALA A 64 -8.27 -0.78 27.34
CA ALA A 64 -8.88 0.08 28.35
C ALA A 64 -10.35 -0.21 28.50
N ALA A 65 -11.05 -0.46 27.39
CA ALA A 65 -12.47 -0.76 27.42
C ALA A 65 -12.76 -1.99 28.26
N ASN A 66 -12.08 -3.10 27.96
CA ASN A 66 -12.32 -4.32 28.73
C ASN A 66 -11.89 -4.15 30.19
N LEU A 67 -10.78 -3.44 30.41
CA LEU A 67 -10.27 -3.25 31.77
C LEU A 67 -11.26 -2.51 32.64
N MET A 68 -11.89 -1.46 32.10
CA MET A 68 -12.89 -0.74 32.88
C MET A 68 -14.22 -1.49 32.92
N ALA A 69 -14.51 -2.30 31.89
CA ALA A 69 -15.76 -3.05 31.87
C ALA A 69 -15.79 -4.09 32.99
N MET A 70 -14.66 -4.75 33.24
CA MET A 70 -14.62 -5.73 34.32
C MET A 70 -14.84 -5.07 35.68
N VAL A 71 -14.22 -3.89 35.89
CA VAL A 71 -14.40 -3.16 37.13
C VAL A 71 -15.86 -2.75 37.30
N ILE A 72 -16.48 -2.27 36.23
CA ILE A 72 -17.88 -1.88 36.30
C ILE A 72 -18.77 -3.07 36.61
N GLN A 73 -18.47 -4.23 36.00
CA GLN A 73 -19.22 -5.44 36.29
C GLN A 73 -19.13 -5.80 37.78
N ASN A 74 -17.92 -5.77 38.32
CA ASN A 74 -17.74 -6.11 39.73
C ASN A 74 -18.46 -5.13 40.64
N LEU A 75 -18.38 -3.84 40.33
CA LEU A 75 -19.07 -2.84 41.15
C LEU A 75 -20.58 -3.02 41.09
N SER A 76 -21.11 -3.29 39.89
CA SER A 76 -22.55 -3.50 39.75
C SER A 76 -23.00 -4.71 40.55
N ALA A 77 -22.26 -5.81 40.47
CA ALA A 77 -22.63 -7.00 41.22
C ALA A 77 -22.56 -6.75 42.73
N ASN A 78 -21.50 -6.07 43.18
CA ASN A 78 -21.36 -5.78 44.61
C ASN A 78 -22.51 -4.92 45.11
N LEU A 79 -22.87 -3.88 44.36
CA LEU A 79 -23.98 -3.02 44.76
C LEU A 79 -25.30 -3.79 44.78
N GLY A 80 -25.55 -4.57 43.73
CA GLY A 80 -26.79 -5.33 43.66
C GLY A 80 -26.94 -6.32 44.78
N ILE A 81 -25.83 -6.91 45.23
CA ILE A 81 -25.93 -7.89 46.31
C ILE A 81 -26.02 -7.20 47.67
N ALA A 82 -25.22 -6.15 47.89
CA ALA A 82 -25.18 -5.50 49.20
C ALA A 82 -26.35 -4.55 49.44
N SER A 83 -27.11 -4.19 48.41
CA SER A 83 -28.28 -3.35 48.58
C SER A 83 -29.59 -4.06 48.28
N GLY A 84 -29.55 -5.19 47.57
CA GLY A 84 -30.74 -5.98 47.34
C GLY A 84 -31.67 -5.47 46.27
N ARG A 85 -31.14 -4.83 45.23
CA ARG A 85 -31.96 -4.33 44.14
C ARG A 85 -31.06 -3.95 42.98
N ASN A 86 -31.64 -3.93 41.79
CA ASN A 86 -30.92 -3.45 40.62
C ASN A 86 -30.96 -1.92 40.56
N LEU A 87 -30.23 -1.36 39.61
CA LEU A 87 -30.09 0.09 39.52
C LEU A 87 -31.40 0.79 39.15
N PRO A 88 -32.23 0.24 38.26
CA PRO A 88 -33.54 0.88 38.03
C PRO A 88 -34.40 0.96 39.29
N GLU A 89 -34.37 -0.07 40.14
CA GLU A 89 -35.11 -0.01 41.39
C GLU A 89 -34.49 0.97 42.38
N LEU A 90 -33.17 1.15 42.32
CA LEU A 90 -32.50 2.04 43.26
C LEU A 90 -32.69 3.51 42.90
N ILE A 91 -32.55 3.86 41.62
CA ILE A 91 -32.68 5.25 41.20
C ILE A 91 -34.09 5.78 41.39
N ARG A 92 -35.05 4.92 41.71
CA ARG A 92 -36.41 5.34 42.06
C ARG A 92 -36.56 5.59 43.56
N GLU A 93 -35.56 5.23 44.37
CA GLU A 93 -35.68 5.34 45.82
C GLU A 93 -35.46 6.78 46.29
N ARG A 94 -34.30 7.36 46.00
CA ARG A 94 -33.92 8.69 46.48
C ARG A 94 -33.36 9.53 45.34
N TRP A 95 -34.25 10.19 44.61
CA TRP A 95 -33.93 11.15 43.55
C TRP A 95 -35.21 11.93 43.21
N PRO A 96 -35.11 13.18 42.75
CA PRO A 96 -36.31 13.93 42.39
C PRO A 96 -37.03 13.29 41.21
N ARG A 97 -38.35 13.51 41.15
CA ARG A 97 -39.15 12.95 40.08
C ARG A 97 -38.74 13.44 38.69
N PRO A 98 -38.51 14.74 38.45
CA PRO A 98 -38.04 15.14 37.12
C PRO A 98 -36.72 14.50 36.73
N LEU A 99 -35.81 14.33 37.69
CA LEU A 99 -34.57 13.62 37.40
C LEU A 99 -34.84 12.16 37.07
N VAL A 100 -35.85 11.55 37.69
CA VAL A 100 -36.22 10.19 37.34
C VAL A 100 -36.74 10.13 35.90
N TRP A 101 -37.55 11.13 35.51
CA TRP A 101 -38.03 11.17 34.13
C TRP A 101 -36.88 11.34 33.14
N PHE A 102 -35.90 12.20 33.49
CA PHE A 102 -34.76 12.41 32.61
C PHE A 102 -33.91 11.15 32.49
N TYR A 103 -33.70 10.45 33.62
CA TYR A 103 -32.94 9.21 33.59
C TYR A 103 -33.68 8.11 32.84
N TRP A 104 -35.02 8.09 32.90
CA TRP A 104 -35.76 7.14 32.09
C TRP A 104 -35.65 7.47 30.61
N ILE A 105 -35.67 8.76 30.27
CA ILE A 105 -35.39 9.17 28.90
C ILE A 105 -34.03 8.63 28.45
N GLN A 106 -33.01 8.82 29.28
CA GLN A 106 -31.66 8.39 28.92
C GLN A 106 -31.57 6.88 28.76
N ALA A 107 -32.08 6.13 29.74
CA ALA A 107 -32.00 4.67 29.67
C ALA A 107 -32.84 4.10 28.54
N GLU A 108 -33.99 4.71 28.24
CA GLU A 108 -34.82 4.22 27.15
C GLU A 108 -34.19 4.54 25.80
N LEU A 109 -33.54 5.70 25.67
CA LEU A 109 -32.75 5.96 24.47
C LEU A 109 -31.59 4.99 24.35
N VAL A 110 -31.01 4.58 25.47
CA VAL A 110 -29.92 3.60 25.45
C VAL A 110 -30.42 2.26 24.91
N ALA A 111 -31.49 1.72 25.50
CA ALA A 111 -32.05 0.47 25.02
C ALA A 111 -32.56 0.59 23.59
N MET A 112 -33.05 1.78 23.23
CA MET A 112 -33.52 2.03 21.87
C MET A 112 -32.38 1.96 20.87
N ALA A 113 -31.25 2.59 21.19
CA ALA A 113 -30.09 2.50 20.32
C ALA A 113 -29.51 1.09 20.27
N THR A 114 -29.60 0.35 21.38
CA THR A 114 -29.15 -1.04 21.36
C THR A 114 -29.99 -1.88 20.41
N ASP A 115 -31.32 -1.74 20.50
CA ASP A 115 -32.18 -2.47 19.57
C ASP A 115 -32.01 -1.99 18.14
N LEU A 116 -31.72 -0.70 17.94
CA LEU A 116 -31.44 -0.18 16.60
C LEU A 116 -30.19 -0.83 16.02
N ALA A 117 -29.13 -0.92 16.83
CA ALA A 117 -27.91 -1.57 16.37
C ALA A 117 -28.16 -3.04 16.06
N GLU A 118 -28.93 -3.72 16.91
CA GLU A 118 -29.28 -5.10 16.66
C GLU A 118 -29.99 -5.27 15.33
N PHE A 119 -31.03 -4.46 15.10
CA PHE A 119 -31.80 -4.59 13.86
C PHE A 119 -30.96 -4.23 12.65
N LEU A 120 -30.07 -3.24 12.77
CA LEU A 120 -29.22 -2.86 11.65
C LEU A 120 -28.25 -3.99 11.30
N GLY A 121 -27.59 -4.56 12.31
CA GLY A 121 -26.69 -5.67 12.06
C GLY A 121 -27.42 -6.86 11.47
N ALA A 122 -28.63 -7.15 11.95
CA ALA A 122 -29.38 -8.28 11.44
C ALA A 122 -29.83 -8.05 10.00
N ALA A 123 -30.22 -6.82 9.67
CA ALA A 123 -30.62 -6.50 8.29
C ALA A 123 -29.43 -6.60 7.35
N LEU A 124 -28.26 -6.12 7.78
CA LEU A 124 -27.06 -6.26 6.96
C LEU A 124 -26.69 -7.72 6.76
N ALA A 125 -26.79 -8.52 7.82
CA ALA A 125 -26.49 -9.94 7.70
C ALA A 125 -27.47 -10.64 6.76
N ILE A 126 -28.75 -10.24 6.80
CA ILE A 126 -29.74 -10.85 5.92
C ILE A 126 -29.49 -10.46 4.47
N GLN A 127 -29.17 -9.19 4.22
CA GLN A 127 -28.82 -8.80 2.85
C GLN A 127 -27.52 -9.41 2.39
N LEU A 128 -26.65 -9.80 3.32
CA LEU A 128 -25.44 -10.52 2.94
C LEU A 128 -25.70 -12.00 2.65
N LEU A 129 -26.67 -12.60 3.35
CA LEU A 129 -26.95 -14.02 3.15
C LEU A 129 -27.85 -14.25 1.95
N THR A 130 -29.07 -13.72 1.99
CA THR A 130 -30.07 -13.96 0.94
C THR A 130 -30.28 -12.77 0.02
N GLY A 131 -29.55 -11.67 0.23
CA GLY A 131 -29.71 -10.50 -0.62
C GLY A 131 -31.00 -9.75 -0.44
N LEU A 132 -31.82 -10.12 0.55
CA LEU A 132 -33.08 -9.42 0.77
C LEU A 132 -32.81 -8.00 1.25
N PRO A 133 -33.55 -7.01 0.74
CA PRO A 133 -33.37 -5.63 1.21
C PRO A 133 -33.59 -5.52 2.71
N MET A 134 -33.04 -4.43 3.27
CA MET A 134 -32.94 -4.32 4.72
C MET A 134 -34.31 -4.23 5.39
N PHE A 135 -35.34 -3.76 4.68
CA PHE A 135 -36.66 -3.71 5.28
C PHE A 135 -37.32 -5.09 5.29
N TRP A 136 -37.15 -5.87 4.23
CA TRP A 136 -37.58 -7.26 4.31
C TRP A 136 -36.74 -8.05 5.31
N GLY A 137 -35.47 -7.69 5.46
CA GLY A 137 -34.68 -8.26 6.54
C GLY A 137 -35.23 -7.91 7.90
N ALA A 138 -35.74 -6.68 8.06
CA ALA A 138 -36.37 -6.29 9.32
C ALA A 138 -37.67 -7.07 9.54
N VAL A 139 -38.42 -7.33 8.48
CA VAL A 139 -39.62 -8.16 8.59
C VAL A 139 -39.25 -9.58 9.03
N VAL A 140 -38.16 -10.10 8.47
CA VAL A 140 -37.70 -11.44 8.86
C VAL A 140 -37.25 -11.44 10.32
N THR A 141 -36.59 -10.38 10.77
CA THR A 141 -36.22 -10.31 12.18
C THR A 141 -37.44 -10.19 13.07
N GLY A 142 -38.49 -9.51 12.61
CA GLY A 142 -39.72 -9.46 13.37
C GLY A 142 -40.38 -10.81 13.51
N VAL A 143 -40.45 -11.58 12.41
CA VAL A 143 -41.03 -12.91 12.50
C VAL A 143 -40.11 -13.85 13.29
N VAL A 144 -38.81 -13.58 13.34
CA VAL A 144 -37.92 -14.37 14.19
C VAL A 144 -38.16 -14.04 15.66
N THR A 145 -38.40 -12.76 15.97
CA THR A 145 -38.82 -12.39 17.32
C THR A 145 -40.12 -13.09 17.69
N PHE A 146 -41.04 -13.19 16.72
CA PHE A 146 -42.25 -13.98 16.93
C PHE A 146 -41.93 -15.43 17.25
N TRP A 147 -40.99 -16.02 16.50
CA TRP A 147 -40.60 -17.41 16.69
C TRP A 147 -39.79 -17.64 17.97
N LEU A 148 -39.27 -16.59 18.59
CA LEU A 148 -38.54 -16.74 19.83
C LEU A 148 -39.42 -17.34 20.92
N LEU A 149 -40.70 -17.00 20.93
CA LEU A 149 -41.64 -17.54 21.91
C LEU A 149 -42.26 -18.84 21.39
N ARG A 154 -36.56 -28.18 18.51
CA ARG A 154 -37.56 -27.13 18.38
C ARG A 154 -37.88 -26.50 19.73
N GLY A 155 -36.84 -26.13 20.46
CA GLY A 155 -37.00 -25.52 21.77
C GLY A 155 -35.84 -24.60 22.07
N THR A 156 -35.84 -24.04 23.28
CA THR A 156 -34.79 -23.13 23.69
C THR A 156 -33.48 -23.87 23.99
N ARG A 157 -33.54 -25.15 24.29
CA ARG A 157 -32.34 -25.94 24.60
C ARG A 157 -31.52 -26.18 23.34
N PRO A 158 -32.17 -26.42 22.20
CA PRO A 158 -31.40 -26.70 20.97
C PRO A 158 -30.80 -25.46 20.36
N LEU A 159 -31.47 -24.31 20.53
CA LEU A 159 -31.01 -23.07 19.90
C LEU A 159 -29.86 -22.43 20.68
N GLU A 160 -29.81 -22.61 22.00
CA GLU A 160 -28.76 -21.98 22.79
C GLU A 160 -27.38 -22.52 22.42
N LEU A 161 -27.31 -23.77 21.97
CA LEU A 161 -26.03 -24.33 21.53
C LEU A 161 -25.61 -23.79 20.17
N ALA A 162 -26.56 -23.52 19.28
CA ALA A 162 -26.23 -23.14 17.92
C ALA A 162 -25.62 -21.74 17.85
N VAL A 163 -26.23 -20.78 18.53
CA VAL A 163 -25.74 -19.40 18.48
C VAL A 163 -24.36 -19.30 19.12
N GLY A 164 -24.22 -19.89 20.31
CA GLY A 164 -22.92 -19.91 20.97
C GLY A 164 -21.87 -20.63 20.15
N ALA A 165 -22.26 -21.71 19.48
CA ALA A 165 -21.32 -22.45 18.63
C ALA A 165 -20.88 -21.61 17.45
N PHE A 166 -21.81 -20.88 16.83
CA PHE A 166 -21.45 -20.03 15.69
C PHE A 166 -20.50 -18.91 16.12
N VAL A 167 -20.78 -18.27 17.25
CA VAL A 167 -19.92 -17.18 17.70
C VAL A 167 -18.56 -17.71 18.14
N LEU A 168 -18.54 -18.89 18.78
CA LEU A 168 -17.27 -19.50 19.15
C LEU A 168 -16.47 -19.88 17.90
N MET A 169 -17.16 -20.33 16.85
CA MET A 169 -16.47 -20.72 15.62
C MET A 169 -15.89 -19.50 14.92
N ILE A 170 -16.61 -18.38 14.91
CA ILE A 170 -16.04 -17.17 14.30
C ILE A 170 -14.88 -16.64 15.15
N GLY A 171 -14.95 -16.80 16.47
CA GLY A 171 -13.83 -16.43 17.31
C GLY A 171 -12.60 -17.27 17.04
N VAL A 172 -12.79 -18.58 16.90
CA VAL A 172 -11.68 -19.46 16.51
C VAL A 172 -11.16 -19.08 15.13
N ALA A 173 -12.04 -18.65 14.24
CA ALA A 173 -11.62 -18.25 12.89
C ALA A 173 -10.70 -17.04 12.94
N TYR A 174 -11.00 -16.09 13.84
CA TYR A 174 -10.12 -14.93 13.96
C TYR A 174 -8.84 -15.23 14.75
N LEU A 175 -8.92 -16.17 15.70
CA LEU A 175 -7.71 -16.64 16.37
C LEU A 175 -6.80 -17.39 15.38
N VAL A 176 -7.39 -17.96 14.33
CA VAL A 176 -6.59 -18.56 13.27
C VAL A 176 -5.76 -17.50 12.54
N GLN A 177 -6.28 -16.29 12.42
CA GLN A 177 -5.61 -15.26 11.64
C GLN A 177 -4.65 -14.41 12.46
N VAL A 178 -4.91 -14.24 13.75
CA VAL A 178 -4.01 -13.41 14.54
C VAL A 178 -2.59 -13.94 14.59
N VAL A 179 -2.37 -15.19 14.16
CA VAL A 179 -1.04 -15.78 14.18
C VAL A 179 -0.17 -15.36 13.00
N LEU A 180 -0.76 -14.71 11.99
CA LEU A 180 -0.05 -14.37 10.77
C LEU A 180 0.47 -12.94 10.74
N ALA A 181 0.08 -12.10 11.69
CA ALA A 181 0.44 -10.69 11.68
C ALA A 181 1.95 -10.57 11.86
N ARG A 182 2.66 -10.20 10.79
CA ARG A 182 4.11 -10.09 10.86
C ARG A 182 4.57 -9.00 11.83
N PRO A 183 4.05 -7.77 11.80
CA PRO A 183 4.55 -6.76 12.73
C PRO A 183 4.16 -7.02 14.18
N ASP A 184 4.84 -7.99 14.81
CA ASP A 184 4.56 -8.30 16.21
C ASP A 184 4.88 -7.11 17.11
N LEU A 185 6.13 -6.63 17.03
CA LEU A 185 6.54 -5.52 17.90
C LEU A 185 5.80 -4.24 17.54
N ALA A 186 5.44 -4.04 16.27
CA ALA A 186 4.63 -2.89 15.92
C ALA A 186 3.24 -2.97 16.53
N ALA A 187 2.64 -4.16 16.53
CA ALA A 187 1.36 -4.35 17.19
C ALA A 187 1.48 -4.05 18.69
N VAL A 188 2.54 -4.56 19.32
CA VAL A 188 2.73 -4.31 20.76
C VAL A 188 2.88 -2.82 21.02
N GLY A 189 3.72 -2.15 20.23
CA GLY A 189 3.95 -0.73 20.45
C GLY A 189 2.73 0.13 20.19
N ALA A 190 1.91 -0.25 19.22
CA ALA A 190 0.70 0.51 18.96
C ALA A 190 -0.37 0.26 20.01
N GLY A 191 -0.43 -0.96 20.56
CA GLY A 191 -1.30 -1.21 21.68
C GLY A 191 -0.82 -0.64 23.00
N PHE A 192 0.47 -0.29 23.08
CA PHE A 192 1.01 0.15 24.36
C PHE A 192 0.83 1.65 24.56
N VAL A 193 1.12 2.45 23.53
CA VAL A 193 1.15 3.89 23.66
C VAL A 193 -0.23 4.44 23.30
N PRO A 194 -0.95 5.07 24.23
CA PRO A 194 -2.24 5.68 23.91
C PRO A 194 -2.06 7.08 23.33
N ARG A 195 -2.61 7.31 22.15
CA ARG A 195 -2.57 8.63 21.54
C ARG A 195 -3.75 8.76 20.58
N LEU A 196 -4.41 9.91 20.61
CA LEU A 196 -5.55 10.19 19.76
C LEU A 196 -5.27 11.40 18.89
N GLN A 197 -5.81 11.37 17.67
CA GLN A 197 -5.51 12.39 16.66
C GLN A 197 -6.79 12.74 15.91
N GLY A 198 -7.34 13.91 16.18
CA GLY A 198 -8.45 14.43 15.41
C GLY A 198 -9.80 13.90 15.84
N PRO A 199 -10.84 14.22 15.06
CA PRO A 199 -12.19 13.79 15.41
C PRO A 199 -12.44 12.31 15.12
N GLY A 200 -11.86 11.78 14.05
CA GLY A 200 -12.09 10.39 13.70
C GLY A 200 -11.56 9.42 14.73
N SER A 201 -10.34 9.65 15.22
CA SER A 201 -9.74 8.76 16.20
C SER A 201 -10.55 8.72 17.49
N ALA A 202 -10.82 9.90 18.06
CA ALA A 202 -11.59 9.95 19.30
C ALA A 202 -13.00 9.43 19.09
N TYR A 203 -13.60 9.70 17.93
CA TYR A 203 -14.94 9.22 17.63
C TYR A 203 -14.99 7.70 17.64
N LEU A 204 -14.08 7.05 16.90
CA LEU A 204 -14.08 5.59 16.83
C LEU A 204 -13.70 4.98 18.17
N ALA A 205 -12.78 5.62 18.90
CA ALA A 205 -12.40 5.14 20.22
C ALA A 205 -13.59 5.16 21.17
N VAL A 206 -14.34 6.27 21.17
CA VAL A 206 -15.53 6.39 22.01
C VAL A 206 -16.57 5.36 21.59
N GLY A 207 -16.74 5.16 20.29
CA GLY A 207 -17.68 4.15 19.82
C GLY A 207 -17.34 2.77 20.33
N ILE A 208 -16.07 2.38 20.22
CA ILE A 208 -15.66 1.05 20.68
C ILE A 208 -15.81 0.94 22.19
N ILE A 209 -15.34 1.94 22.94
CA ILE A 209 -15.37 1.86 24.39
C ILE A 209 -16.78 1.97 24.93
N GLY A 210 -17.74 2.43 24.13
CA GLY A 210 -19.13 2.44 24.53
C GLY A 210 -19.85 1.18 24.10
N ALA A 211 -19.37 0.55 23.04
CA ALA A 211 -19.94 -0.73 22.62
C ALA A 211 -19.54 -1.84 23.57
N THR A 212 -18.27 -1.86 24.00
CA THR A 212 -17.81 -2.89 24.92
C THR A 212 -18.49 -2.77 26.27
N VAL A 213 -18.32 -1.62 26.93
CA VAL A 213 -18.93 -1.36 28.24
C VAL A 213 -20.40 -1.10 28.00
N MET A 214 -21.22 -2.10 28.17
CA MET A 214 -22.59 -1.78 27.81
C MET A 214 -23.43 -1.51 29.05
N PRO A 215 -24.40 -0.61 28.95
CA PRO A 215 -25.37 -0.44 30.05
C PRO A 215 -26.05 -1.73 30.44
N HIS A 216 -26.12 -2.72 29.54
CA HIS A 216 -26.57 -4.05 29.95
C HIS A 216 -25.64 -4.64 31.00
N VAL A 217 -24.32 -4.49 30.79
CA VAL A 217 -23.36 -4.95 31.80
C VAL A 217 -23.51 -4.14 33.08
N ILE A 218 -23.72 -2.82 32.93
CA ILE A 218 -23.85 -1.97 34.11
C ILE A 218 -25.09 -2.33 34.92
N TYR A 219 -26.15 -2.81 34.27
CA TYR A 219 -27.39 -3.16 34.95
C TYR A 219 -27.50 -4.64 35.29
N LEU A 220 -26.58 -5.47 34.82
CA LEU A 220 -26.59 -6.90 35.14
C LEU A 220 -26.68 -7.17 36.64
N LEU A 240 -21.09 -19.89 45.58
CA LEU A 240 -21.15 -19.87 44.12
C LEU A 240 -20.98 -18.47 43.57
N VAL A 241 -21.04 -17.47 44.45
CA VAL A 241 -20.86 -16.08 44.03
C VAL A 241 -19.43 -15.86 43.56
N ARG A 242 -18.44 -16.41 44.27
CA ARG A 242 -17.06 -16.30 43.84
C ARG A 242 -16.84 -17.05 42.52
N LEU A 243 -17.51 -18.19 42.35
CA LEU A 243 -17.43 -18.91 41.09
C LEU A 243 -17.98 -18.06 39.95
N ASN A 244 -19.13 -17.42 40.17
CA ASN A 244 -19.68 -16.52 39.16
C ASN A 244 -18.71 -15.39 38.83
N ARG A 245 -18.10 -14.80 39.86
CA ARG A 245 -17.16 -13.70 39.63
C ARG A 245 -15.97 -14.15 38.78
N VAL A 246 -15.37 -15.29 39.14
CA VAL A 246 -14.21 -15.78 38.40
C VAL A 246 -14.60 -16.16 36.98
N ASP A 247 -15.76 -16.78 36.80
CA ASP A 247 -16.23 -17.12 35.46
C ASP A 247 -16.41 -15.87 34.61
N VAL A 248 -17.02 -14.83 35.17
CA VAL A 248 -17.24 -13.60 34.42
C VAL A 248 -15.90 -12.94 34.06
N ILE A 249 -14.95 -12.93 35.00
CA ILE A 249 -13.67 -12.30 34.74
C ILE A 249 -12.92 -13.02 33.62
N ALA A 250 -12.84 -14.36 33.72
CA ALA A 250 -12.14 -15.13 32.70
C ALA A 250 -12.84 -15.03 31.35
N ALA A 251 -14.18 -15.02 31.35
CA ALA A 251 -14.92 -14.90 30.11
C ALA A 251 -14.66 -13.56 29.44
N MET A 252 -14.76 -12.47 30.20
CA MET A 252 -14.51 -11.16 29.60
C MET A 252 -13.05 -11.01 29.18
N GLY A 253 -12.12 -11.70 29.85
CA GLY A 253 -10.74 -11.66 29.41
C GLY A 253 -10.54 -12.37 28.08
N LEU A 254 -11.10 -13.57 27.94
CA LEU A 254 -10.97 -14.28 26.66
C LEU A 254 -11.73 -13.56 25.55
N ALA A 255 -12.84 -12.89 25.88
CA ALA A 255 -13.54 -12.13 24.85
C ALA A 255 -12.80 -10.85 24.50
N GLY A 256 -12.05 -10.28 25.44
CA GLY A 256 -11.16 -9.19 25.09
C GLY A 256 -10.04 -9.65 24.18
N LEU A 257 -9.55 -10.86 24.40
CA LEU A 257 -8.61 -11.46 23.43
C LEU A 257 -9.27 -11.63 22.07
N ILE A 258 -10.53 -12.04 22.05
CA ILE A 258 -11.26 -12.16 20.78
C ILE A 258 -11.34 -10.80 20.08
N ASN A 259 -11.63 -9.75 20.84
CA ASN A 259 -11.75 -8.42 20.25
C ASN A 259 -10.42 -7.89 19.75
N MET A 260 -9.34 -8.12 20.52
CA MET A 260 -8.01 -7.74 20.06
C MET A 260 -7.63 -8.50 18.79
N SER A 261 -7.99 -9.78 18.72
CA SER A 261 -7.75 -10.54 17.50
C SER A 261 -8.52 -9.96 16.33
N MET A 262 -9.79 -9.61 16.55
CA MET A 262 -10.61 -9.05 15.47
C MET A 262 -10.02 -7.73 14.97
N LEU A 263 -9.60 -6.86 15.90
CA LEU A 263 -9.03 -5.58 15.49
C LEU A 263 -7.70 -5.76 14.78
N ALA A 264 -6.83 -6.63 15.31
CA ALA A 264 -5.54 -6.86 14.67
C ALA A 264 -5.70 -7.48 13.29
N VAL A 265 -6.72 -8.31 13.10
CA VAL A 265 -6.94 -8.90 11.78
C VAL A 265 -7.53 -7.87 10.83
N ALA A 266 -8.44 -7.03 11.30
CA ALA A 266 -8.95 -5.95 10.46
C ALA A 266 -7.86 -4.95 10.11
N ALA A 267 -6.78 -4.90 10.90
CA ALA A 267 -5.62 -4.07 10.61
C ALA A 267 -4.64 -4.72 9.64
N ALA A 268 -4.37 -6.01 9.82
CA ALA A 268 -3.38 -6.68 8.98
C ALA A 268 -3.94 -7.15 7.64
N THR A 269 -5.26 -7.33 7.55
CA THR A 269 -5.85 -7.81 6.30
C THR A 269 -5.79 -6.73 5.23
N PHE A 270 -6.19 -5.51 5.58
CA PHE A 270 -6.04 -4.38 4.65
C PHE A 270 -5.98 -3.09 5.47
N HIS A 271 -4.77 -2.56 5.64
CA HIS A 271 -4.57 -1.23 6.20
C HIS A 271 -4.06 -0.25 5.15
N GLY A 272 -2.96 -0.59 4.48
CA GLY A 272 -2.42 0.19 3.40
C GLY A 272 -2.88 -0.21 2.02
N LYS A 273 -3.65 -1.28 1.91
CA LYS A 273 -4.18 -1.71 0.61
C LYS A 273 -5.19 -0.73 0.04
N ASN A 274 -5.71 0.19 0.87
CA ASN A 274 -6.63 1.24 0.42
C ASN A 274 -7.84 0.65 -0.30
N VAL A 275 -8.35 -0.46 0.22
CA VAL A 275 -9.47 -1.15 -0.43
C VAL A 275 -10.69 -0.23 -0.49
N GLU A 276 -11.63 -0.59 -1.36
CA GLU A 276 -12.77 0.27 -1.67
C GLU A 276 -13.47 0.80 -0.42
N ASN A 277 -13.76 -0.08 0.53
CA ASN A 277 -14.49 0.29 1.74
C ASN A 277 -13.78 -0.28 2.96
N ALA A 278 -13.94 0.42 4.09
CA ALA A 278 -13.33 0.04 5.36
C ALA A 278 -14.34 -0.60 6.32
N GLY A 279 -15.45 0.10 6.60
CA GLY A 279 -16.45 -0.39 7.51
C GLY A 279 -17.72 -0.91 6.87
N ASP A 280 -17.80 -0.97 5.55
CA ASP A 280 -18.95 -1.58 4.88
C ASP A 280 -18.92 -3.07 5.15
N LEU A 281 -19.79 -3.54 6.05
CA LEU A 281 -19.76 -4.94 6.45
C LEU A 281 -20.11 -5.88 5.31
N THR A 282 -20.62 -5.37 4.19
CA THR A 282 -20.72 -6.19 2.99
C THR A 282 -19.35 -6.34 2.32
N THR A 283 -18.60 -5.24 2.23
CA THR A 283 -17.23 -5.33 1.75
C THR A 283 -16.31 -5.97 2.77
N ALA A 284 -16.61 -5.82 4.06
CA ALA A 284 -15.84 -6.51 5.08
C ALA A 284 -16.00 -8.02 4.94
N TYR A 285 -17.26 -8.50 4.93
CA TYR A 285 -17.51 -9.94 4.82
C TYR A 285 -16.87 -10.55 3.59
N GLN A 286 -16.79 -9.80 2.50
CA GLN A 286 -16.25 -10.35 1.25
C GLN A 286 -14.74 -10.52 1.31
N THR A 287 -14.06 -9.72 2.15
CA THR A 287 -12.60 -9.75 2.23
C THR A 287 -12.13 -9.96 3.67
N LEU A 288 -13.00 -10.45 4.56
CA LEU A 288 -12.65 -10.49 5.98
C LEU A 288 -11.56 -11.49 6.29
N THR A 289 -11.43 -12.56 5.49
CA THR A 289 -10.71 -13.74 5.94
C THR A 289 -9.81 -14.32 4.85
N PRO A 290 -8.60 -14.78 5.21
CA PRO A 290 -7.78 -15.51 4.23
C PRO A 290 -8.16 -16.97 4.07
N LEU A 291 -8.64 -17.62 5.13
CA LEU A 291 -8.71 -19.07 5.17
C LEU A 291 -10.13 -19.57 4.99
N LEU A 292 -10.25 -20.71 4.31
CA LEU A 292 -11.53 -21.39 4.09
C LEU A 292 -12.53 -20.48 3.39
N GLY A 293 -12.13 -20.00 2.22
CA GLY A 293 -12.67 -18.81 1.60
C GLY A 293 -14.16 -18.81 1.25
N PRO A 294 -14.57 -19.68 0.32
CA PRO A 294 -16.00 -19.67 -0.07
C PRO A 294 -16.94 -19.88 1.10
N ALA A 295 -16.57 -20.74 2.05
CA ALA A 295 -17.41 -20.93 3.23
C ALA A 295 -17.19 -19.83 4.26
N ALA A 296 -16.09 -19.07 4.18
CA ALA A 296 -15.81 -18.07 5.20
C ALA A 296 -16.78 -16.88 5.10
N SER A 297 -17.17 -16.50 3.87
CA SER A 297 -18.10 -15.40 3.71
C SER A 297 -19.46 -15.73 4.30
N VAL A 298 -20.01 -16.89 3.94
CA VAL A 298 -21.29 -17.31 4.51
C VAL A 298 -21.17 -17.56 6.00
N LEU A 299 -20.01 -18.02 6.46
CA LEU A 299 -19.79 -18.21 7.90
C LEU A 299 -19.83 -16.88 8.64
N PHE A 300 -19.18 -15.86 8.09
CA PHE A 300 -19.21 -14.53 8.69
C PHE A 300 -20.63 -13.97 8.70
N ALA A 301 -21.36 -14.14 7.59
CA ALA A 301 -22.73 -13.64 7.54
C ALA A 301 -23.62 -14.34 8.57
N VAL A 302 -23.49 -15.66 8.70
CA VAL A 302 -24.27 -16.42 9.67
C VAL A 302 -23.90 -16.02 11.09
N ALA A 303 -22.60 -15.80 11.34
CA ALA A 303 -22.17 -15.37 12.66
C ALA A 303 -22.76 -14.01 13.02
N LEU A 304 -22.73 -13.07 12.07
CA LEU A 304 -23.33 -11.76 12.29
C LEU A 304 -24.82 -11.88 12.57
N LEU A 305 -25.53 -12.69 11.77
CA LEU A 305 -26.97 -12.84 11.95
C LEU A 305 -27.29 -13.46 13.31
N ALA A 306 -26.53 -14.48 13.72
CA ALA A 306 -26.78 -15.13 14.99
C ALA A 306 -26.49 -14.19 16.16
N SER A 307 -25.38 -13.46 16.10
CA SER A 307 -25.08 -12.50 17.15
C SER A 307 -26.16 -11.44 17.24
N GLY A 308 -26.65 -10.96 16.09
CA GLY A 308 -27.72 -9.98 16.11
C GLY A 308 -29.00 -10.51 16.72
N LEU A 309 -29.42 -11.70 16.29
CA LEU A 309 -30.66 -12.26 16.80
C LEU A 309 -30.58 -12.61 18.28
N SER A 310 -29.38 -12.96 18.77
CA SER A 310 -29.24 -13.25 20.19
C SER A 310 -29.23 -11.97 21.02
N SER A 311 -28.45 -10.97 20.59
CA SER A 311 -28.44 -9.69 21.26
C SER A 311 -29.83 -9.05 21.24
N SER A 312 -30.64 -9.37 20.23
CA SER A 312 -32.03 -8.92 20.22
C SER A 312 -32.75 -9.34 21.49
N ALA A 313 -32.84 -10.64 21.73
CA ALA A 313 -33.53 -11.14 22.91
C ALA A 313 -32.87 -10.64 24.19
N VAL A 314 -31.54 -10.65 24.24
CA VAL A 314 -30.83 -10.26 25.46
C VAL A 314 -31.15 -8.80 25.81
N GLY A 315 -30.88 -7.88 24.88
CA GLY A 315 -31.11 -6.48 25.14
C GLY A 315 -32.57 -6.13 25.31
N THR A 316 -33.47 -6.86 24.63
CA THR A 316 -34.89 -6.59 24.80
C THR A 316 -35.38 -7.01 26.18
N MET A 317 -34.92 -8.16 26.67
CA MET A 317 -35.29 -8.56 28.03
C MET A 317 -34.66 -7.62 29.06
N ALA A 318 -33.44 -7.13 28.79
CA ALA A 318 -32.83 -6.16 29.69
C ALA A 318 -33.62 -4.86 29.71
N GLY A 319 -34.10 -4.41 28.54
CA GLY A 319 -34.94 -3.23 28.50
C GLY A 319 -36.26 -3.44 29.20
N ASP A 320 -36.82 -4.64 29.09
CA ASP A 320 -38.05 -4.94 29.84
C ASP A 320 -37.81 -4.90 31.34
N VAL A 321 -36.65 -5.41 31.78
CA VAL A 321 -36.30 -5.35 33.20
C VAL A 321 -36.17 -3.91 33.66
N ILE A 322 -35.45 -3.09 32.89
CA ILE A 322 -35.27 -1.67 33.26
C ILE A 322 -36.50 -0.82 33.03
N MET A 323 -37.51 -1.34 32.33
CA MET A 323 -38.69 -0.59 31.96
C MET A 323 -39.90 -0.89 32.84
N GLN A 324 -40.15 -2.15 33.17
CA GLN A 324 -41.23 -2.48 34.08
C GLN A 324 -40.83 -2.31 35.55
N GLY A 325 -39.60 -1.88 35.81
CA GLY A 325 -39.14 -1.63 37.17
C GLY A 325 -38.32 -0.36 37.29
N LEU A 335 -46.24 -2.54 22.36
CA LEU A 335 -45.66 -2.94 23.63
C LEU A 335 -44.20 -2.49 23.74
N ARG A 336 -43.40 -3.26 24.47
CA ARG A 336 -42.01 -2.89 24.69
C ARG A 336 -41.17 -3.09 23.42
N ARG A 337 -41.46 -4.14 22.65
CA ARG A 337 -40.63 -4.46 21.51
C ARG A 337 -40.81 -3.47 20.37
N LEU A 338 -42.02 -2.92 20.21
CA LEU A 338 -42.31 -2.06 19.06
C LEU A 338 -41.72 -0.66 19.23
N ILE A 339 -41.85 -0.07 20.41
CA ILE A 339 -41.37 1.29 20.63
C ILE A 339 -39.85 1.36 20.54
N THR A 340 -39.16 0.29 20.92
CA THR A 340 -37.71 0.23 20.76
C THR A 340 -37.29 -0.20 19.36
N MET A 341 -38.23 -0.66 18.53
CA MET A 341 -37.94 -1.11 17.18
C MET A 341 -38.17 -0.04 16.12
N LEU A 342 -39.16 0.82 16.33
CA LEU A 342 -39.48 1.86 15.35
C LEU A 342 -38.29 2.69 14.89
N PRO A 343 -37.41 3.18 15.78
CA PRO A 343 -36.25 3.94 15.29
C PRO A 343 -35.36 3.16 14.34
N ALA A 344 -35.22 1.85 14.54
CA ALA A 344 -34.44 1.05 13.61
C ALA A 344 -35.00 1.13 12.20
N PHE A 345 -36.32 0.96 12.07
CA PHE A 345 -36.93 1.00 10.74
C PHE A 345 -36.86 2.40 10.15
N ILE A 346 -37.08 3.44 10.95
CA ILE A 346 -37.05 4.79 10.38
C ILE A 346 -35.62 5.19 10.01
N VAL A 347 -34.61 4.62 10.68
CA VAL A 347 -33.24 4.96 10.35
C VAL A 347 -32.77 4.22 9.10
N ILE A 348 -33.09 2.93 9.01
CA ILE A 348 -32.68 2.16 7.82
C ILE A 348 -33.55 2.46 6.61
N LEU A 349 -34.70 3.10 6.80
CA LEU A 349 -35.54 3.52 5.69
C LEU A 349 -35.24 4.95 5.23
N LEU A 350 -34.52 5.73 6.04
CA LEU A 350 -34.27 7.14 5.73
C LEU A 350 -33.42 7.35 4.49
N GLY A 351 -32.85 6.29 3.92
CA GLY A 351 -32.04 6.41 2.73
C GLY A 351 -30.54 6.48 2.98
N MET A 352 -30.07 6.07 4.15
CA MET A 352 -28.65 6.09 4.48
C MET A 352 -28.18 4.66 4.73
N ASP A 353 -26.92 4.41 4.35
CA ASP A 353 -26.36 3.08 4.55
C ASP A 353 -26.05 2.85 6.02
N PRO A 354 -26.33 1.66 6.55
CA PRO A 354 -26.17 1.41 7.99
C PRO A 354 -24.73 1.26 8.44
N SER A 355 -23.76 1.30 7.52
CA SER A 355 -22.37 1.02 7.88
C SER A 355 -21.85 2.01 8.93
N SER A 356 -22.21 3.29 8.80
CA SER A 356 -21.79 4.29 9.77
C SER A 356 -22.74 4.41 10.94
N VAL A 357 -24.02 4.13 10.74
CA VAL A 357 -24.99 4.23 11.83
C VAL A 357 -24.78 3.13 12.85
N LEU A 358 -24.28 1.97 12.42
CA LEU A 358 -23.99 0.90 13.36
C LEU A 358 -22.86 1.27 14.33
N ILE A 359 -22.05 2.25 13.98
CA ILE A 359 -21.01 2.77 14.87
C ILE A 359 -21.50 3.98 15.64
N LEU A 360 -22.29 4.84 14.98
CA LEU A 360 -22.91 5.97 15.68
C LEU A 360 -23.80 5.49 16.82
N SER A 361 -24.42 4.32 16.67
CA SER A 361 -25.26 3.79 17.75
C SER A 361 -24.42 3.44 18.97
N GLN A 362 -23.24 2.85 18.76
CA GLN A 362 -22.34 2.60 19.89
C GLN A 362 -21.82 3.89 20.48
N VAL A 363 -21.60 4.91 19.64
CA VAL A 363 -21.22 6.22 20.16
C VAL A 363 -22.31 6.76 21.08
N ILE A 364 -23.57 6.60 20.68
CA ILE A 364 -24.68 7.08 21.52
C ILE A 364 -24.81 6.24 22.79
N LEU A 365 -24.49 4.94 22.71
CA LEU A 365 -24.44 4.13 23.93
C LEU A 365 -23.36 4.65 24.88
N CYS A 366 -22.23 5.10 24.33
CA CYS A 366 -21.23 5.74 25.18
C CYS A 366 -21.73 7.08 25.71
N PHE A 367 -22.55 7.78 24.93
CA PHE A 367 -23.22 8.98 25.45
C PHE A 367 -24.09 8.64 26.65
N GLY A 368 -24.68 7.46 26.64
CA GLY A 368 -25.54 7.00 27.72
C GLY A 368 -24.84 6.31 28.88
N VAL A 369 -23.56 5.94 28.73
CA VAL A 369 -22.85 5.27 29.82
C VAL A 369 -22.72 6.12 31.09
N PRO A 370 -22.48 7.44 31.04
CA PRO A 370 -22.26 8.15 32.32
C PRO A 370 -23.50 8.24 33.19
N PHE A 371 -24.69 8.30 32.58
CA PHE A 371 -25.92 8.30 33.36
C PHE A 371 -26.16 6.97 34.05
N ALA A 372 -25.46 5.92 33.64
CA ALA A 372 -25.47 4.64 34.34
C ALA A 372 -24.25 4.44 35.23
N LEU A 373 -23.23 5.28 35.09
CA LEU A 373 -22.03 5.15 35.92
C LEU A 373 -22.06 6.02 37.17
N VAL A 374 -22.50 7.27 37.04
CA VAL A 374 -22.57 8.17 38.19
C VAL A 374 -23.40 7.60 39.33
N PRO A 375 -24.60 7.04 39.10
CA PRO A 375 -25.39 6.52 40.23
C PRO A 375 -24.76 5.30 40.89
N LEU A 376 -23.84 4.60 40.24
CA LEU A 376 -23.32 3.36 40.81
C LEU A 376 -22.48 3.61 42.05
N LEU A 377 -21.50 4.51 41.96
CA LEU A 377 -20.56 4.69 43.07
C LEU A 377 -21.20 5.38 44.26
N LEU A 378 -22.18 6.25 44.03
CA LEU A 378 -22.85 6.91 45.16
C LEU A 378 -23.54 5.90 46.05
N PHE A 379 -24.18 4.89 45.46
CA PHE A 379 -24.74 3.80 46.24
C PHE A 379 -23.65 2.88 46.77
N THR A 380 -22.57 2.70 46.02
CA THR A 380 -21.47 1.84 46.45
C THR A 380 -20.86 2.32 47.76
N ALA A 381 -20.53 3.61 47.82
CA ALA A 381 -19.87 4.20 48.99
C ALA A 381 -20.94 4.69 49.96
N HIS A 382 -21.32 3.81 50.89
CA HIS A 382 -22.31 4.15 51.91
C HIS A 382 -22.21 3.13 53.03
N HIS A 383 -22.52 3.58 54.25
CA HIS A 383 -22.42 2.73 55.43
C HIS A 383 -23.78 2.24 55.93
N ASP A 384 -24.79 3.10 55.97
CA ASP A 384 -26.11 2.72 56.47
C ASP A 384 -26.86 1.79 55.52
N VAL A 385 -26.27 1.43 54.38
CA VAL A 385 -26.88 0.51 53.42
C VAL A 385 -26.01 -0.72 53.20
N MET A 386 -24.72 -0.51 52.92
CA MET A 386 -23.81 -1.63 52.71
C MET A 386 -23.46 -2.33 54.02
N GLY A 387 -23.71 -1.69 55.16
CA GLY A 387 -23.36 -2.31 56.44
C GLY A 387 -21.86 -2.35 56.65
N ALA A 388 -21.38 -3.50 57.09
CA ALA A 388 -19.95 -3.75 57.25
C ALA A 388 -19.29 -4.25 55.98
N LEU A 389 -20.00 -4.20 54.85
CA LEU A 389 -19.51 -4.69 53.57
C LEU A 389 -19.38 -3.55 52.57
N VAL A 390 -18.87 -2.42 53.00
CA VAL A 390 -18.66 -1.27 52.11
C VAL A 390 -17.45 -1.54 51.23
N THR A 391 -17.55 -1.18 49.96
CA THR A 391 -16.42 -1.33 49.05
C THR A 391 -15.31 -0.36 49.42
N ARG A 392 -14.08 -0.77 49.14
CA ARG A 392 -12.91 0.01 49.53
C ARG A 392 -12.91 1.38 48.87
N ARG A 393 -12.10 2.28 49.43
CA ARG A 393 -11.95 3.62 48.87
C ARG A 393 -11.11 3.61 47.60
N SER A 394 -10.21 2.64 47.46
CA SER A 394 -9.35 2.59 46.28
C SER A 394 -10.12 2.15 45.05
N PHE A 395 -10.97 1.12 45.18
CA PHE A 395 -11.89 0.77 44.12
C PHE A 395 -12.73 1.97 43.70
N THR A 396 -13.21 2.73 44.68
CA THR A 396 -13.96 3.95 44.42
C THR A 396 -13.15 4.93 43.59
N VAL A 397 -11.89 5.16 43.98
CA VAL A 397 -11.04 6.12 43.29
C VAL A 397 -10.80 5.69 41.85
N ILE A 398 -10.56 4.39 41.64
CA ILE A 398 -10.30 3.90 40.28
C ILE A 398 -11.55 4.07 39.41
N GLY A 399 -12.71 3.67 39.95
CA GLY A 399 -13.95 3.86 39.20
C GLY A 399 -14.22 5.31 38.86
N TRP A 400 -13.85 6.23 39.77
CA TRP A 400 -14.12 7.64 39.50
C TRP A 400 -13.12 8.23 38.52
N VAL A 401 -11.87 7.76 38.53
CA VAL A 401 -10.94 8.17 37.48
C VAL A 401 -11.46 7.73 36.12
N ILE A 402 -12.03 6.51 36.06
CA ILE A 402 -12.60 6.04 34.79
C ILE A 402 -13.80 6.89 34.39
N ALA A 403 -14.65 7.24 35.36
CA ALA A 403 -15.81 8.08 35.07
C ALA A 403 -15.39 9.47 34.58
N VAL A 404 -14.24 9.96 35.05
CA VAL A 404 -13.74 11.24 34.57
C VAL A 404 -13.18 11.09 33.15
N ILE A 405 -12.48 9.99 32.88
CA ILE A 405 -11.84 9.82 31.58
C ILE A 405 -12.87 9.66 30.47
N ILE A 406 -13.94 8.89 30.72
CA ILE A 406 -14.97 8.70 29.69
C ILE A 406 -15.60 10.03 29.32
N ILE A 407 -15.94 10.83 30.33
CA ILE A 407 -16.56 12.13 30.08
C ILE A 407 -15.55 13.07 29.42
N ALA A 408 -14.26 12.94 29.73
CA ALA A 408 -13.25 13.73 29.03
C ALA A 408 -13.27 13.44 27.55
N LEU A 409 -13.28 12.17 27.17
CA LEU A 409 -13.30 11.81 25.75
C LEU A 409 -14.60 12.26 25.08
N ASN A 410 -15.74 12.06 25.77
CA ASN A 410 -17.01 12.42 25.17
C ASN A 410 -17.15 13.93 24.98
N GLY A 411 -16.70 14.71 25.97
CA GLY A 411 -16.70 16.15 25.82
C GLY A 411 -15.70 16.64 24.80
N TYR A 412 -14.60 15.92 24.62
CA TYR A 412 -13.67 16.20 23.53
C TYR A 412 -14.38 16.07 22.19
N LEU A 413 -15.05 14.95 21.98
CA LEU A 413 -15.81 14.75 20.73
C LEU A 413 -16.90 15.82 20.57
N LEU A 414 -17.56 16.17 21.66
CA LEU A 414 -18.64 17.16 21.58
C LEU A 414 -18.10 18.55 21.25
N TRP A 415 -16.95 18.93 21.81
CA TRP A 415 -16.33 20.20 21.46
C TRP A 415 -15.89 20.20 20.00
N GLU A 416 -15.34 19.07 19.52
CA GLU A 416 -14.95 19.00 18.13
C GLU A 416 -16.15 19.11 17.20
N LEU A 417 -17.31 18.59 17.62
CA LEU A 417 -18.52 18.76 16.83
C LEU A 417 -19.03 20.19 16.90
N LEU A 418 -18.92 20.83 18.06
CA LEU A 418 -19.32 22.23 18.20
C LEU A 418 -18.48 23.14 17.33
N GLY A 419 -17.20 22.81 17.15
CA GLY A 419 -16.35 23.62 16.29
C GLY A 419 -16.78 23.54 14.83
N GLY A 420 -16.90 22.32 14.31
CA GLY A 420 -17.32 22.13 12.93
C GLY A 420 -16.22 21.60 12.03
N GLN B 1 -11.98 15.02 -13.14
CA GLN B 1 -10.87 14.13 -13.45
C GLN B 1 -9.82 14.15 -12.36
N VAL B 2 -9.65 13.02 -11.67
CA VAL B 2 -8.65 12.91 -10.62
C VAL B 2 -7.26 12.96 -11.22
N GLN B 3 -6.33 13.63 -10.53
CA GLN B 3 -5.02 13.87 -11.10
C GLN B 3 -4.04 14.18 -9.97
N LEU B 4 -2.88 13.51 -9.99
CA LEU B 4 -1.77 13.82 -9.11
C LEU B 4 -0.64 14.45 -9.92
N THR B 5 0.00 15.46 -9.35
CA THR B 5 1.15 16.08 -9.97
C THR B 5 2.26 16.22 -8.93
N GLU B 6 3.49 16.37 -9.40
CA GLU B 6 4.65 16.37 -8.53
C GLU B 6 5.49 17.62 -8.78
N SER B 7 6.55 17.76 -8.00
CA SER B 7 7.44 18.90 -8.09
C SER B 7 8.42 18.75 -9.24
N GLY B 8 8.99 19.87 -9.66
CA GLY B 8 9.97 19.89 -10.72
C GLY B 8 11.22 19.13 -10.35
N PRO B 9 11.96 18.66 -11.36
CA PRO B 9 13.16 17.86 -11.10
C PRO B 9 14.20 18.66 -10.32
N GLY B 10 15.15 17.93 -9.74
CA GLY B 10 16.17 18.54 -8.92
C GLY B 10 17.57 18.01 -9.14
N LEU B 11 18.55 18.90 -9.06
CA LEU B 11 19.96 18.56 -9.19
C LEU B 11 20.68 19.13 -7.98
N VAL B 12 21.16 18.26 -7.10
CA VAL B 12 21.71 18.68 -5.81
C VAL B 12 23.05 18.01 -5.57
N ALA B 13 23.91 18.71 -4.84
CA ALA B 13 25.20 18.17 -4.44
C ALA B 13 25.01 17.16 -3.31
N PRO B 14 25.96 16.25 -3.10
CA PRO B 14 25.87 15.35 -1.95
C PRO B 14 25.97 16.11 -0.64
N SER B 15 25.48 15.46 0.42
CA SER B 15 25.40 15.98 1.78
C SER B 15 24.44 17.16 1.91
N GLN B 16 23.61 17.41 0.90
CA GLN B 16 22.66 18.51 0.90
C GLN B 16 21.30 18.00 1.39
N SER B 17 20.30 18.87 1.32
CA SER B 17 18.94 18.54 1.72
C SER B 17 18.00 18.78 0.55
N LEU B 18 16.89 18.04 0.51
CA LEU B 18 15.93 18.25 -0.56
C LEU B 18 14.53 17.86 -0.11
N SER B 19 13.55 18.43 -0.79
CA SER B 19 12.14 18.13 -0.57
C SER B 19 11.44 18.10 -1.92
N ILE B 20 10.36 17.31 -2.00
CA ILE B 20 9.58 17.12 -3.21
C ILE B 20 8.11 17.21 -2.84
N THR B 21 7.35 17.95 -3.64
CA THR B 21 5.93 18.19 -3.40
C THR B 21 5.11 17.27 -4.30
N CYS B 22 4.22 16.49 -3.68
CA CYS B 22 3.26 15.64 -4.40
C CYS B 22 1.88 16.20 -4.09
N THR B 23 1.33 16.98 -5.02
CA THR B 23 0.02 17.58 -4.83
C THR B 23 -1.04 16.77 -5.56
N VAL B 24 -2.23 16.77 -4.99
CA VAL B 24 -3.31 15.91 -5.45
C VAL B 24 -4.49 16.77 -5.88
N SER B 25 -5.39 16.17 -6.66
CA SER B 25 -6.64 16.81 -7.03
C SER B 25 -7.60 15.73 -7.48
N GLY B 26 -8.90 15.98 -7.30
CA GLY B 26 -9.93 15.07 -7.74
C GLY B 26 -10.40 14.08 -6.71
N PHE B 27 -9.59 13.78 -5.69
CA PHE B 27 -10.00 12.88 -4.62
C PHE B 27 -9.71 13.54 -3.28
N SER B 28 -10.16 12.88 -2.22
CA SER B 28 -10.03 13.40 -0.85
C SER B 28 -8.74 12.84 -0.26
N LEU B 29 -7.70 13.69 -0.20
CA LEU B 29 -6.40 13.23 0.27
C LEU B 29 -6.48 12.77 1.72
N THR B 30 -7.31 13.43 2.53
CA THR B 30 -7.42 13.05 3.94
C THR B 30 -8.12 11.71 4.14
N SER B 31 -8.56 11.05 3.07
CA SER B 31 -9.23 9.77 3.17
C SER B 31 -8.46 8.64 2.50
N TYR B 32 -7.26 8.90 1.98
CA TYR B 32 -6.46 7.88 1.31
C TYR B 32 -5.00 8.03 1.72
N GLY B 33 -4.32 6.90 1.89
CA GLY B 33 -2.92 6.89 2.28
C GLY B 33 -2.02 6.76 1.08
N VAL B 34 -1.07 7.69 0.95
CA VAL B 34 -0.22 7.82 -0.24
C VAL B 34 1.02 6.96 -0.08
N HIS B 35 1.43 6.32 -1.17
CA HIS B 35 2.62 5.48 -1.20
C HIS B 35 3.66 6.08 -2.14
N TRP B 36 4.94 5.90 -1.77
CA TRP B 36 6.06 6.37 -2.57
C TRP B 36 6.78 5.19 -3.22
N VAL B 37 7.30 5.44 -4.43
CA VAL B 37 7.99 4.42 -5.22
C VAL B 37 9.19 5.06 -5.90
N ARG B 38 10.37 4.46 -5.72
CA ARG B 38 11.60 4.97 -6.30
C ARG B 38 12.03 4.08 -7.47
N GLN B 39 12.26 4.70 -8.62
CA GLN B 39 12.71 3.97 -9.81
C GLN B 39 13.91 4.68 -10.40
N PRO B 40 15.11 4.11 -10.31
CA PRO B 40 16.23 4.61 -11.12
C PRO B 40 16.02 4.24 -12.57
N PRO B 41 16.61 4.99 -13.51
CA PRO B 41 16.35 4.71 -14.93
C PRO B 41 16.75 3.29 -15.32
N GLY B 42 15.77 2.46 -15.64
CA GLY B 42 15.99 1.09 -16.02
C GLY B 42 16.45 0.16 -14.92
N LYS B 43 16.78 0.68 -13.73
CA LYS B 43 17.36 -0.12 -12.65
C LYS B 43 16.31 -0.76 -11.76
N GLY B 44 15.10 -0.99 -12.27
CA GLY B 44 14.06 -1.58 -11.46
C GLY B 44 13.55 -0.63 -10.40
N LEU B 45 12.68 -1.16 -9.53
CA LEU B 45 12.09 -0.35 -8.48
C LEU B 45 11.63 -1.26 -7.34
N GLU B 46 11.61 -0.70 -6.14
CA GLU B 46 11.13 -1.39 -4.95
C GLU B 46 10.32 -0.43 -4.10
N TRP B 47 9.30 -0.96 -3.43
CA TRP B 47 8.39 -0.15 -2.64
C TRP B 47 9.14 0.62 -1.55
N LEU B 48 8.84 1.91 -1.43
CA LEU B 48 9.63 2.78 -0.56
C LEU B 48 9.02 2.97 0.83
N VAL B 49 7.87 3.63 0.91
CA VAL B 49 7.32 4.10 2.18
C VAL B 49 5.83 4.37 1.97
N VAL B 50 5.07 4.44 3.06
CA VAL B 50 3.68 4.86 2.98
C VAL B 50 3.38 5.89 4.07
N ILE B 51 2.77 7.01 3.65
CA ILE B 51 2.23 8.01 4.55
C ILE B 51 0.72 7.89 4.49
N TRP B 52 0.15 7.21 5.48
CA TRP B 52 -1.29 7.27 5.68
C TRP B 52 -1.66 8.66 6.19
N SER B 53 -2.77 9.19 5.69
CA SER B 53 -3.22 10.54 6.02
C SER B 53 -3.27 10.76 7.52
N ASP B 54 -3.15 12.03 7.94
CA ASP B 54 -3.04 12.42 9.34
C ASP B 54 -1.68 12.03 9.93
N GLY B 55 -0.64 12.05 9.10
CA GLY B 55 0.73 11.98 9.56
C GLY B 55 1.29 10.61 9.85
N SER B 56 0.58 9.53 9.51
CA SER B 56 1.03 8.19 9.87
C SER B 56 2.11 7.73 8.89
N THR B 57 3.37 7.92 9.25
CA THR B 57 4.49 7.57 8.38
C THR B 57 5.02 6.21 8.78
N THR B 58 5.09 5.28 7.80
CA THR B 58 5.76 4.01 8.01
C THR B 58 6.78 3.81 6.89
N TYR B 59 8.04 3.62 7.28
CA TYR B 59 9.17 3.47 6.38
C TYR B 59 9.58 2.01 6.30
N ASN B 60 10.14 1.64 5.16
CA ASN B 60 10.68 0.29 4.98
C ASN B 60 12.06 0.18 5.61
N SER B 61 12.47 -1.06 5.88
CA SER B 61 13.78 -1.30 6.47
C SER B 61 14.91 -0.89 5.52
N ALA B 62 14.66 -0.88 4.21
CA ALA B 62 15.69 -0.51 3.26
C ALA B 62 16.03 0.97 3.35
N LEU B 63 15.02 1.82 3.39
CA LEU B 63 15.21 3.26 3.49
C LEU B 63 14.51 3.75 4.75
N LYS B 64 15.24 3.71 5.86
CA LYS B 64 14.78 4.16 7.16
C LYS B 64 15.84 5.05 7.79
N SER B 65 15.41 5.93 8.70
CA SER B 65 16.23 6.89 9.42
C SER B 65 16.92 7.92 8.54
N ARG B 66 16.64 7.93 7.23
CA ARG B 66 17.16 8.96 6.34
C ARG B 66 16.07 9.78 5.68
N LEU B 67 14.96 9.15 5.32
CA LEU B 67 13.85 9.82 4.65
C LEU B 67 12.85 10.34 5.68
N SER B 68 12.04 11.31 5.25
CA SER B 68 10.95 11.81 6.07
C SER B 68 9.80 12.21 5.16
N ILE B 69 8.59 12.14 5.69
CA ILE B 69 7.38 12.45 4.92
C ILE B 69 6.52 13.41 5.73
N SER B 70 6.42 14.65 5.27
CA SER B 70 5.50 15.62 5.84
C SER B 70 4.19 15.60 5.06
N LYS B 71 3.16 16.17 5.67
CA LYS B 71 1.85 16.26 5.03
C LYS B 71 1.23 17.61 5.35
N ASP B 72 0.54 18.19 4.36
CA ASP B 72 -0.12 19.48 4.52
C ASP B 72 -1.52 19.35 3.92
N ASN B 73 -2.50 19.09 4.79
CA ASN B 73 -3.88 18.94 4.33
C ASN B 73 -4.50 20.26 3.88
N SER B 74 -3.90 21.40 4.26
CA SER B 74 -4.43 22.68 3.84
C SER B 74 -4.39 22.83 2.32
N LYS B 75 -3.28 22.44 1.70
CA LYS B 75 -3.17 22.40 0.25
C LYS B 75 -3.14 20.98 -0.29
N SER B 76 -3.36 19.98 0.57
CA SER B 76 -3.42 18.58 0.16
C SER B 76 -2.14 18.15 -0.55
N GLN B 77 -1.00 18.39 0.11
CA GLN B 77 0.30 18.07 -0.44
C GLN B 77 1.03 17.08 0.46
N VAL B 78 1.80 16.19 -0.17
CA VAL B 78 2.64 15.22 0.53
C VAL B 78 4.09 15.57 0.22
N PHE B 79 4.85 15.88 1.25
CA PHE B 79 6.24 16.31 1.10
C PHE B 79 7.16 15.14 1.39
N LEU B 80 8.00 14.79 0.42
CA LEU B 80 9.10 13.87 0.66
C LEU B 80 10.35 14.68 0.96
N LYS B 81 11.16 14.20 1.90
CA LYS B 81 12.32 14.96 2.34
C LYS B 81 13.49 14.04 2.59
N MET B 82 14.68 14.48 2.17
CA MET B 82 15.90 13.70 2.30
C MET B 82 17.05 14.58 2.77
N ASN B 83 17.90 14.01 3.63
CA ASN B 83 19.07 14.67 4.17
C ASN B 83 20.29 13.78 3.97
N SER B 84 21.45 14.42 3.84
CA SER B 84 22.75 13.74 3.70
C SER B 84 22.73 12.79 2.51
N LEU B 85 22.57 13.38 1.32
CA LEU B 85 22.43 12.60 0.09
C LEU B 85 23.74 11.92 -0.28
N GLN B 86 23.62 10.81 -0.99
CA GLN B 86 24.76 10.03 -1.46
C GLN B 86 24.79 10.03 -2.99
N THR B 87 25.79 9.35 -3.55
CA THR B 87 26.00 9.37 -4.99
C THR B 87 24.92 8.57 -5.71
N ASP B 88 24.63 7.36 -5.24
CA ASP B 88 23.76 6.42 -5.95
C ASP B 88 22.33 6.43 -5.43
N ASP B 89 21.82 7.61 -5.06
CA ASP B 89 20.41 7.77 -4.73
C ASP B 89 19.65 8.50 -5.83
N THR B 90 20.29 8.75 -6.97
CA THR B 90 19.65 9.46 -8.07
C THR B 90 18.60 8.56 -8.74
N ALA B 91 17.39 9.08 -8.90
CA ALA B 91 16.29 8.28 -9.44
C ALA B 91 15.10 9.18 -9.71
N MET B 92 14.02 8.59 -10.20
CA MET B 92 12.74 9.24 -10.38
C MET B 92 11.79 8.75 -9.29
N TYR B 93 11.11 9.68 -8.65
CA TYR B 93 10.19 9.38 -7.55
C TYR B 93 8.75 9.49 -8.02
N TYR B 94 7.93 8.55 -7.56
CA TYR B 94 6.50 8.48 -7.80
C TYR B 94 5.75 8.50 -6.48
N CYS B 95 4.58 9.14 -6.48
CA CYS B 95 3.61 9.09 -5.40
C CYS B 95 2.27 8.68 -5.99
N ALA B 96 1.61 7.71 -5.36
CA ALA B 96 0.47 7.05 -6.00
C ALA B 96 -0.47 6.47 -4.96
N ARG B 97 -1.72 6.93 -4.98
CA ARG B 97 -2.75 6.32 -4.13
C ARG B 97 -4.11 6.82 -4.56
N GLU B 98 -4.89 5.93 -5.15
CA GLU B 98 -6.35 5.99 -5.12
C GLU B 98 -6.81 4.55 -5.31
N PRO B 99 -8.07 4.26 -5.00
CA PRO B 99 -8.36 3.16 -4.07
C PRO B 99 -7.43 1.96 -4.26
N PRO B 100 -7.38 1.29 -5.45
CA PRO B 100 -6.37 0.24 -5.66
C PRO B 100 -5.09 0.74 -6.33
N TYR B 101 -4.52 1.82 -5.80
CA TYR B 101 -3.25 2.37 -6.30
C TYR B 101 -3.30 2.69 -7.80
N GLY B 102 -4.46 3.14 -8.29
CA GLY B 102 -4.60 3.33 -9.72
C GLY B 102 -3.82 4.53 -10.25
N TYR B 103 -3.86 5.64 -9.52
CA TYR B 103 -3.38 6.93 -10.03
C TYR B 103 -1.97 7.20 -9.52
N TRP B 104 -1.03 7.37 -10.44
CA TRP B 104 0.35 7.67 -10.15
C TRP B 104 0.71 9.06 -10.66
N GLY B 105 1.74 9.65 -10.06
CA GLY B 105 2.23 10.94 -10.53
C GLY B 105 3.11 10.81 -11.76
N GLN B 106 3.32 11.93 -12.44
CA GLN B 106 4.15 11.92 -13.63
C GLN B 106 5.60 11.57 -13.32
N GLY B 107 6.02 11.75 -12.08
CA GLY B 107 7.37 11.39 -11.68
C GLY B 107 8.30 12.58 -11.62
N THR B 108 9.12 12.66 -10.58
CA THR B 108 10.08 13.74 -10.42
C THR B 108 11.50 13.19 -10.48
N THR B 109 12.34 13.78 -11.32
CA THR B 109 13.72 13.33 -11.49
C THR B 109 14.60 13.99 -10.43
N LEU B 110 15.58 13.23 -9.94
CA LEU B 110 16.45 13.74 -8.88
C LEU B 110 17.85 13.18 -9.08
N THR B 111 18.81 14.08 -9.28
CA THR B 111 20.21 13.73 -9.55
C THR B 111 21.10 14.34 -8.48
N VAL B 112 22.09 13.58 -8.03
CA VAL B 112 22.99 13.98 -6.95
C VAL B 112 24.41 13.69 -7.40
N SER B 113 25.19 14.74 -7.63
CA SER B 113 26.62 14.62 -7.88
C SER B 113 27.26 15.99 -7.72
N SER B 114 28.56 15.99 -7.48
CA SER B 114 29.30 17.20 -7.18
C SER B 114 29.78 17.94 -8.41
N ALA B 115 29.47 17.45 -9.61
CA ALA B 115 30.04 18.03 -10.82
C ALA B 115 29.42 19.39 -11.13
N LYS B 116 30.27 20.39 -11.35
CA LYS B 116 29.83 21.70 -11.79
C LYS B 116 29.53 21.68 -13.28
N THR B 117 28.79 22.70 -13.74
CA THR B 117 28.42 22.80 -15.14
C THR B 117 29.66 22.91 -16.02
N THR B 118 29.94 21.88 -16.82
CA THR B 118 31.13 21.83 -17.66
C THR B 118 30.70 21.55 -19.10
N PRO B 119 31.04 22.42 -20.04
CA PRO B 119 30.72 22.14 -21.46
C PRO B 119 31.52 20.96 -21.97
N PRO B 120 31.07 20.32 -23.06
CA PRO B 120 31.66 19.05 -23.47
C PRO B 120 33.02 19.17 -24.16
N SER B 121 33.52 18.04 -24.63
CA SER B 121 34.75 17.98 -25.43
C SER B 121 34.52 16.94 -26.52
N VAL B 122 34.27 17.39 -27.75
CA VAL B 122 33.89 16.51 -28.84
C VAL B 122 35.15 15.95 -29.49
N TYR B 123 35.21 14.62 -29.60
CA TYR B 123 36.36 13.93 -30.17
C TYR B 123 35.94 13.22 -31.44
N PRO B 124 36.53 13.55 -32.59
CA PRO B 124 36.13 12.89 -33.83
C PRO B 124 36.75 11.50 -33.95
N LEU B 125 35.98 10.59 -34.56
CA LEU B 125 36.37 9.19 -34.71
C LEU B 125 36.30 8.84 -36.20
N ALA B 126 37.46 8.90 -36.86
CA ALA B 126 37.91 8.64 -38.22
C ALA B 126 38.33 7.19 -38.36
N PRO B 127 37.92 6.53 -39.45
CA PRO B 127 38.13 5.08 -39.55
C PRO B 127 39.59 4.66 -39.60
N GLY B 128 40.46 5.46 -40.19
CA GLY B 128 41.85 5.10 -40.32
C GLY B 128 42.06 3.87 -41.18
N CYS B 129 41.64 3.94 -42.44
CA CYS B 129 41.75 2.86 -43.43
C CYS B 129 41.52 1.47 -42.87
N THR B 132 37.63 -0.33 -44.77
CA THR B 132 36.45 0.18 -45.45
C THR B 132 35.65 -0.96 -46.08
N THR B 133 34.94 -1.72 -45.25
CA THR B 133 34.17 -2.85 -45.72
C THR B 133 32.90 -2.38 -46.42
N GLY B 134 32.61 -2.97 -47.58
CA GLY B 134 31.41 -2.64 -48.31
C GLY B 134 31.48 -1.27 -48.99
N SER B 135 30.31 -0.81 -49.41
CA SER B 135 30.18 0.45 -50.12
C SER B 135 29.84 1.62 -49.20
N SER B 136 29.48 1.36 -47.96
CA SER B 136 29.13 2.39 -46.99
C SER B 136 30.15 2.42 -45.86
N VAL B 137 30.48 3.62 -45.41
CA VAL B 137 31.51 3.83 -44.39
C VAL B 137 30.88 4.51 -43.18
N THR B 138 31.36 4.13 -42.00
CA THR B 138 30.83 4.62 -40.73
C THR B 138 31.83 5.58 -40.09
N LEU B 139 31.32 6.70 -39.59
CA LEU B 139 32.10 7.72 -38.90
C LEU B 139 31.47 7.97 -37.53
N GLY B 140 32.25 8.51 -36.61
CA GLY B 140 31.80 8.64 -35.24
C GLY B 140 32.15 9.98 -34.62
N CYS B 141 31.31 10.38 -33.67
CA CYS B 141 31.60 11.49 -32.77
C CYS B 141 31.56 10.97 -31.35
N LEU B 142 32.45 11.48 -30.49
CA LEU B 142 32.55 11.01 -29.11
C LEU B 142 32.52 12.21 -28.18
N VAL B 143 31.37 12.48 -27.58
CA VAL B 143 31.23 13.57 -26.62
C VAL B 143 31.60 13.04 -25.25
N LYS B 144 32.37 13.81 -24.50
CA LYS B 144 32.94 13.28 -23.26
C LYS B 144 33.11 14.39 -22.24
N GLY B 145 32.83 14.07 -20.98
CA GLY B 145 33.14 14.97 -19.88
C GLY B 145 32.27 16.20 -19.78
N TYR B 146 30.94 16.02 -19.81
CA TYR B 146 30.03 17.14 -19.70
C TYR B 146 29.00 16.87 -18.62
N PHE B 147 28.37 17.95 -18.15
CA PHE B 147 27.36 17.91 -17.10
C PHE B 147 26.62 19.24 -17.15
N PRO B 148 25.27 19.26 -17.09
CA PRO B 148 24.29 18.19 -16.90
C PRO B 148 24.13 17.21 -18.06
N GLU B 149 23.00 16.50 -18.04
CA GLU B 149 22.83 15.30 -18.87
C GLU B 149 22.42 15.63 -20.30
N SER B 150 21.56 16.62 -20.49
CA SER B 150 20.96 16.84 -21.80
C SER B 150 22.00 17.31 -22.81
N VAL B 151 21.95 16.73 -24.01
CA VAL B 151 22.82 17.13 -25.12
C VAL B 151 22.20 16.58 -26.41
N THR B 152 22.39 17.32 -27.51
CA THR B 152 21.79 16.95 -28.79
C THR B 152 22.85 16.94 -29.87
N VAL B 153 22.97 15.83 -30.60
CA VAL B 153 23.96 15.68 -31.65
C VAL B 153 23.25 15.66 -33.00
N THR B 154 23.58 16.64 -33.85
CA THR B 154 23.01 16.77 -35.18
C THR B 154 24.11 16.62 -36.22
N TRP B 155 23.85 15.82 -37.25
CA TRP B 155 24.85 15.55 -38.28
C TRP B 155 24.50 16.32 -39.54
N ASN B 156 25.44 17.15 -40.01
CA ASN B 156 25.28 17.88 -41.26
C ASN B 156 26.11 17.18 -42.33
N SER B 157 25.44 16.56 -43.30
CA SER B 157 26.12 15.81 -44.35
C SER B 157 25.34 15.99 -45.65
N GLY B 158 26.04 16.41 -46.70
CA GLY B 158 25.44 16.52 -48.01
C GLY B 158 25.33 15.23 -48.78
N SER B 159 25.53 14.10 -48.13
CA SER B 159 25.54 12.82 -48.81
C SER B 159 24.14 12.44 -49.27
N LEU B 160 24.08 11.69 -50.37
CA LEU B 160 22.81 11.21 -50.90
C LEU B 160 22.20 10.11 -50.04
N SER B 161 22.90 9.66 -49.00
CA SER B 161 22.38 8.65 -48.09
C SER B 161 23.06 8.82 -46.74
N SER B 162 22.34 8.43 -45.68
CA SER B 162 22.90 8.53 -44.33
C SER B 162 22.03 7.72 -43.38
N SER B 163 22.57 7.45 -42.19
CA SER B 163 21.84 6.79 -41.13
C SER B 163 22.52 7.16 -39.81
N VAL B 164 21.86 7.96 -39.00
CA VAL B 164 22.43 8.49 -37.76
C VAL B 164 21.92 7.68 -36.58
N HIS B 165 22.82 7.41 -35.63
CA HIS B 165 22.47 6.82 -34.34
C HIS B 165 23.08 7.65 -33.23
N THR B 166 22.45 7.60 -32.06
CA THR B 166 22.94 8.29 -30.88
C THR B 166 22.66 7.40 -29.67
N PHE B 167 23.71 6.85 -29.11
CA PHE B 167 23.63 5.90 -28.01
C PHE B 167 23.51 6.64 -26.68
N PRO B 168 22.84 6.04 -25.70
CA PRO B 168 22.52 6.78 -24.46
C PRO B 168 23.77 7.15 -23.69
N ALA B 169 23.76 8.35 -23.12
CA ALA B 169 24.91 8.85 -22.38
C ALA B 169 25.00 8.15 -21.03
N LEU B 170 26.18 7.63 -20.72
CA LEU B 170 26.45 6.96 -19.46
C LEU B 170 27.35 7.84 -18.60
N LEU B 171 27.51 7.47 -17.34
CA LEU B 171 28.32 8.22 -16.40
C LEU B 171 29.71 7.62 -16.33
N GLN B 172 30.72 8.41 -16.70
CA GLN B 172 32.12 8.05 -16.55
C GLN B 172 32.76 9.00 -15.54
N SER B 173 33.20 8.44 -14.41
CA SER B 173 33.98 9.17 -13.40
C SER B 173 33.29 10.46 -12.97
N GLY B 174 31.97 10.38 -12.78
CA GLY B 174 31.18 11.52 -12.35
C GLY B 174 30.63 12.36 -13.47
N LEU B 175 31.32 12.43 -14.60
CA LEU B 175 30.84 13.18 -15.76
C LEU B 175 30.08 12.23 -16.69
N TYR B 176 29.74 12.70 -17.88
CA TYR B 176 28.96 11.89 -18.82
C TYR B 176 29.70 11.71 -20.13
N THR B 177 29.61 10.49 -20.67
CA THR B 177 30.24 10.12 -21.93
C THR B 177 29.17 9.55 -22.86
N MET B 178 29.26 9.92 -24.14
CA MET B 178 28.27 9.53 -25.12
C MET B 178 28.96 9.35 -26.47
N SER B 179 28.50 8.37 -27.23
CA SER B 179 28.95 8.12 -28.59
C SER B 179 27.82 8.42 -29.57
N SER B 180 28.21 8.78 -30.80
CA SER B 180 27.25 9.11 -31.85
C SER B 180 27.78 8.56 -33.17
N SER B 181 26.91 7.93 -33.94
CA SER B 181 27.30 7.28 -35.18
C SER B 181 26.70 8.00 -36.39
N VAL B 182 27.36 7.84 -37.54
CA VAL B 182 26.83 8.27 -38.81
C VAL B 182 27.38 7.34 -39.89
N THR B 183 26.66 7.24 -41.00
CA THR B 183 27.07 6.38 -42.09
C THR B 183 26.84 7.13 -43.40
N VAL B 184 27.80 7.02 -44.31
CA VAL B 184 27.71 7.73 -45.60
C VAL B 184 28.29 6.85 -46.69
N PRO B 185 27.86 7.09 -47.93
CA PRO B 185 28.48 6.36 -49.06
C PRO B 185 29.93 6.77 -49.24
N SER B 186 30.76 5.79 -49.61
CA SER B 186 32.19 6.05 -49.77
C SER B 186 32.49 7.00 -50.91
N SER B 187 31.55 7.18 -51.85
CA SER B 187 31.79 8.08 -52.98
C SER B 187 31.75 9.54 -52.56
N THR B 188 30.91 9.88 -51.58
CA THR B 188 30.79 11.24 -51.09
C THR B 188 31.60 11.47 -49.81
N TRP B 189 32.71 10.76 -49.65
CA TRP B 189 33.58 10.88 -48.49
C TRP B 189 35.00 10.47 -48.88
N PRO B 190 35.99 11.37 -48.72
CA PRO B 190 35.84 12.72 -48.17
C PRO B 190 35.45 13.78 -49.21
N SER B 191 34.72 13.38 -50.25
CA SER B 191 34.30 14.35 -51.27
C SER B 191 33.32 15.35 -50.69
N GLN B 192 32.20 14.87 -50.15
CA GLN B 192 31.22 15.72 -49.49
C GLN B 192 31.43 15.63 -47.98
N THR B 193 31.65 16.78 -47.34
CA THR B 193 31.97 16.81 -45.92
C THR B 193 30.80 16.32 -45.08
N VAL B 194 31.12 15.67 -43.97
CA VAL B 194 30.15 15.11 -43.04
C VAL B 194 30.56 15.54 -41.64
N THR B 195 29.98 16.63 -41.15
CA THR B 195 30.36 17.22 -39.88
C THR B 195 29.34 16.91 -38.80
N CYS B 196 29.79 16.95 -37.54
CA CYS B 196 28.97 16.58 -36.39
C CYS B 196 28.91 17.77 -35.44
N SER B 197 27.71 18.26 -35.15
CA SER B 197 27.52 19.34 -34.21
C SER B 197 26.91 18.79 -32.93
N VAL B 198 27.42 19.25 -31.79
CA VAL B 198 27.01 18.80 -30.48
C VAL B 198 26.57 20.02 -29.69
N ALA B 199 25.26 20.13 -29.43
CA ALA B 199 24.68 21.25 -28.71
C ALA B 199 24.43 20.83 -27.26
N HIS B 200 25.11 21.51 -26.33
CA HIS B 200 24.95 21.34 -24.90
C HIS B 200 24.28 22.60 -24.37
N PRO B 201 22.94 22.63 -24.26
CA PRO B 201 22.27 23.90 -23.95
C PRO B 201 22.52 24.41 -22.54
N ALA B 202 22.74 23.52 -21.57
CA ALA B 202 22.92 23.97 -20.19
C ALA B 202 24.23 24.71 -19.97
N SER B 203 25.16 24.66 -20.93
CA SER B 203 26.37 25.47 -20.86
C SER B 203 26.47 26.45 -22.02
N SER B 204 25.45 26.55 -22.86
CA SER B 204 25.35 27.44 -24.02
C SER B 204 26.35 27.10 -25.11
N THR B 205 27.22 26.10 -24.92
CA THR B 205 28.26 25.76 -25.88
C THR B 205 27.74 24.73 -26.86
N THR B 206 27.91 25.00 -28.15
CA THR B 206 27.68 24.02 -29.20
C THR B 206 28.96 23.91 -30.03
N VAL B 207 29.46 22.70 -30.19
CA VAL B 207 30.72 22.44 -30.86
C VAL B 207 30.41 21.77 -32.20
N ASP B 208 30.73 22.46 -33.29
CA ASP B 208 30.53 21.92 -34.64
C ASP B 208 31.86 21.35 -35.10
N LYS B 209 32.11 20.09 -34.74
CA LYS B 209 33.36 19.44 -35.05
C LYS B 209 33.32 18.84 -36.45
N LYS B 210 34.33 19.16 -37.25
CA LYS B 210 34.51 18.58 -38.57
C LYS B 210 35.29 17.28 -38.46
N LEU B 211 34.81 16.24 -39.12
CA LEU B 211 35.39 14.91 -39.04
C LEU B 211 36.25 14.67 -40.26
N GLU B 212 37.56 14.56 -40.06
CA GLU B 212 38.52 14.42 -41.15
C GLU B 212 39.54 13.33 -40.82
N PRO B 213 40.04 12.62 -41.83
CA PRO B 213 41.06 11.59 -41.68
C PRO B 213 42.46 12.11 -41.98
N ASP C 1 9.69 -8.94 4.44
CA ASP C 1 10.90 -9.54 3.88
C ASP C 1 10.57 -10.41 2.67
N ILE C 2 9.28 -10.60 2.41
CA ILE C 2 8.85 -11.43 1.29
C ILE C 2 9.16 -10.72 -0.02
N GLU C 3 9.86 -11.42 -0.92
CA GLU C 3 10.27 -10.86 -2.19
C GLU C 3 9.40 -11.43 -3.32
N LEU C 4 9.71 -11.04 -4.55
CA LEU C 4 8.98 -11.52 -5.72
C LEU C 4 9.96 -11.59 -6.89
N THR C 5 10.11 -12.77 -7.48
CA THR C 5 10.98 -12.97 -8.63
C THR C 5 10.13 -13.10 -9.88
N GLN C 6 10.42 -12.26 -10.88
CA GLN C 6 9.61 -12.19 -12.09
C GLN C 6 10.34 -12.85 -13.25
N SER C 7 9.60 -13.61 -14.06
CA SER C 7 10.17 -14.30 -15.20
C SER C 7 9.22 -14.24 -16.40
N PRO C 8 9.75 -14.05 -17.61
CA PRO C 8 11.18 -13.87 -17.88
C PRO C 8 11.66 -12.44 -17.65
N ALA C 9 12.98 -12.22 -17.74
CA ALA C 9 13.52 -10.88 -17.57
C ALA C 9 13.10 -9.98 -18.73
N THR C 10 13.37 -10.41 -19.97
CA THR C 10 12.91 -9.72 -21.16
C THR C 10 12.20 -10.72 -22.06
N LEU C 11 11.24 -10.21 -22.84
CA LEU C 11 10.38 -11.07 -23.64
C LEU C 11 10.18 -10.45 -25.02
N SER C 12 10.44 -11.23 -26.06
CA SER C 12 10.28 -10.80 -27.44
C SER C 12 9.13 -11.57 -28.08
N VAL C 13 8.29 -10.85 -28.83
CA VAL C 13 7.17 -11.46 -29.52
C VAL C 13 6.69 -10.52 -30.61
N THR C 14 6.02 -11.08 -31.63
CA THR C 14 5.34 -10.38 -32.72
C THR C 14 3.87 -10.18 -32.37
N PRO C 15 3.23 -9.14 -32.91
CA PRO C 15 1.80 -8.94 -32.63
C PRO C 15 0.94 -10.10 -33.10
N GLY C 16 0.32 -10.81 -32.17
CA GLY C 16 -0.55 -11.92 -32.51
C GLY C 16 -0.40 -13.13 -31.61
N ASP C 17 0.77 -13.30 -31.01
CA ASP C 17 1.06 -14.44 -30.15
C ASP C 17 0.92 -14.04 -28.69
N SER C 18 0.13 -14.80 -27.94
CA SER C 18 -0.12 -14.48 -26.55
C SER C 18 1.15 -14.63 -25.71
N VAL C 19 1.31 -13.74 -24.73
CA VAL C 19 2.46 -13.77 -23.84
C VAL C 19 1.96 -14.02 -22.42
N SER C 20 2.87 -14.50 -21.57
CA SER C 20 2.52 -14.82 -20.19
C SER C 20 3.71 -14.56 -19.28
N LEU C 21 3.54 -13.66 -18.31
CA LEU C 21 4.55 -13.36 -17.31
C LEU C 21 4.20 -14.06 -16.01
N SER C 22 5.23 -14.57 -15.32
CA SER C 22 5.07 -15.26 -14.05
C SER C 22 5.74 -14.44 -12.95
N CYS C 23 5.03 -14.26 -11.84
CA CYS C 23 5.54 -13.52 -10.69
C CYS C 23 5.60 -14.49 -9.50
N ARG C 24 6.72 -15.22 -9.41
CA ARG C 24 6.89 -16.20 -8.35
C ARG C 24 7.14 -15.50 -7.02
N ALA C 25 6.60 -16.07 -5.95
CA ALA C 25 6.66 -15.48 -4.62
C ALA C 25 7.72 -16.17 -3.76
N SER C 26 7.95 -15.59 -2.59
CA SER C 26 8.86 -16.17 -1.60
C SER C 26 8.12 -17.09 -0.63
N GLN C 27 6.92 -16.69 -0.20
CA GLN C 27 6.05 -17.53 0.60
C GLN C 27 4.63 -17.37 0.07
N SER C 28 3.66 -17.89 0.81
CA SER C 28 2.27 -17.83 0.39
C SER C 28 1.74 -16.41 0.54
N ILE C 29 1.25 -15.84 -0.57
CA ILE C 29 0.56 -14.56 -0.56
C ILE C 29 -0.86 -14.83 -1.03
N SER C 30 -1.83 -14.62 -0.16
CA SER C 30 -3.21 -15.03 -0.44
C SER C 30 -3.86 -14.11 -1.47
N ASN C 31 -3.43 -14.22 -2.73
CA ASN C 31 -4.00 -13.48 -3.85
C ASN C 31 -3.94 -11.97 -3.61
N ASN C 32 -2.79 -11.49 -3.15
CA ASN C 32 -2.52 -10.06 -3.04
C ASN C 32 -1.45 -9.72 -4.08
N LEU C 33 -1.88 -9.10 -5.18
CA LEU C 33 -0.98 -8.82 -6.29
C LEU C 33 -1.45 -7.58 -7.02
N HIS C 34 -0.56 -7.05 -7.86
CA HIS C 34 -0.79 -5.83 -8.63
C HIS C 34 0.07 -5.91 -9.87
N TRP C 35 -0.54 -5.72 -11.04
CA TRP C 35 0.17 -5.70 -12.31
C TRP C 35 0.12 -4.29 -12.90
N TYR C 36 1.28 -3.77 -13.28
CA TYR C 36 1.39 -2.45 -13.89
C TYR C 36 2.09 -2.55 -15.23
N GLN C 37 1.57 -1.80 -16.21
CA GLN C 37 2.26 -1.57 -17.48
C GLN C 37 2.94 -0.22 -17.44
N GLN C 38 4.05 -0.09 -18.18
CA GLN C 38 4.82 1.13 -18.16
C GLN C 38 5.46 1.33 -19.53
N LYS C 39 5.60 2.59 -19.92
CA LYS C 39 6.30 2.99 -21.13
C LYS C 39 7.55 3.77 -20.74
N SER C 40 8.34 4.14 -21.75
CA SER C 40 9.58 4.86 -21.50
C SER C 40 9.26 6.27 -21.00
N HIS C 41 9.78 6.61 -19.82
CA HIS C 41 9.60 7.93 -19.21
C HIS C 41 8.12 8.25 -19.02
N GLU C 42 7.39 7.31 -18.42
CA GLU C 42 5.97 7.47 -18.19
C GLU C 42 5.62 7.01 -16.78
N SER C 43 4.34 7.17 -16.41
CA SER C 43 3.82 6.73 -15.12
C SER C 43 3.03 5.45 -15.30
N PRO C 44 3.26 4.44 -14.46
CA PRO C 44 2.60 3.13 -14.67
C PRO C 44 1.17 3.14 -14.17
N ARG C 45 0.22 2.93 -15.09
CA ARG C 45 -1.17 2.80 -14.71
C ARG C 45 -1.45 1.38 -14.24
N LEU C 46 -2.42 1.24 -13.32
CA LEU C 46 -2.75 -0.04 -12.73
C LEU C 46 -3.60 -0.87 -13.68
N LEU C 47 -3.25 -2.15 -13.81
CA LEU C 47 -3.94 -3.06 -14.71
C LEU C 47 -4.75 -4.14 -13.99
N ILE C 48 -4.12 -4.87 -13.07
CA ILE C 48 -4.72 -6.03 -12.43
C ILE C 48 -4.69 -5.82 -10.92
N LYS C 49 -5.87 -5.57 -10.32
CA LYS C 49 -6.01 -5.70 -8.89
C LYS C 49 -6.20 -7.19 -8.60
N TYR C 50 -6.48 -7.55 -7.34
CA TYR C 50 -5.72 -8.61 -6.67
C TYR C 50 -5.21 -9.68 -7.65
N VAL C 51 -6.10 -10.44 -8.31
CA VAL C 51 -5.74 -11.30 -9.44
C VAL C 51 -6.91 -11.34 -10.42
N SER C 52 -6.70 -10.89 -11.65
CA SER C 52 -7.63 -11.02 -12.76
C SER C 52 -8.94 -10.25 -12.56
N GLN C 53 -9.00 -9.38 -11.55
CA GLN C 53 -10.07 -8.39 -11.49
C GLN C 53 -9.55 -7.19 -12.24
N SER C 54 -9.69 -7.22 -13.57
CA SER C 54 -9.14 -6.19 -14.44
C SER C 54 -9.55 -4.81 -13.96
N SER C 55 -8.55 -3.97 -13.70
CA SER C 55 -8.77 -2.71 -12.99
C SER C 55 -9.58 -1.74 -13.83
N SER C 56 -9.86 -0.58 -13.24
CA SER C 56 -10.71 0.41 -13.88
C SER C 56 -10.09 0.92 -15.17
N GLY C 57 -10.83 0.80 -16.27
CA GLY C 57 -10.41 1.32 -17.55
C GLY C 57 -9.27 0.56 -18.20
N ILE C 58 -9.32 -0.77 -18.17
CA ILE C 58 -8.26 -1.62 -18.71
C ILE C 58 -8.87 -2.47 -19.82
N PRO C 59 -8.23 -2.57 -20.98
CA PRO C 59 -8.78 -3.41 -22.05
C PRO C 59 -8.85 -4.88 -21.65
N SER C 60 -9.80 -5.59 -22.24
CA SER C 60 -10.02 -7.00 -21.97
C SER C 60 -8.93 -7.91 -22.54
N ARG C 61 -7.84 -7.36 -23.08
CA ARG C 61 -6.74 -8.18 -23.55
C ARG C 61 -6.07 -8.92 -22.39
N PHE C 62 -5.78 -8.20 -21.32
CA PHE C 62 -4.99 -8.74 -20.22
C PHE C 62 -5.87 -9.55 -19.28
N SER C 63 -5.35 -10.69 -18.82
CA SER C 63 -6.07 -11.53 -17.86
C SER C 63 -5.10 -12.16 -16.90
N GLY C 64 -5.44 -12.12 -15.60
CA GLY C 64 -4.63 -12.75 -14.59
C GLY C 64 -5.08 -14.17 -14.29
N SER C 65 -4.18 -14.93 -13.66
CA SER C 65 -4.50 -16.27 -13.20
C SER C 65 -3.72 -16.48 -11.91
N GLY C 66 -4.43 -16.73 -10.83
CA GLY C 66 -3.86 -16.63 -9.49
C GLY C 66 -3.97 -17.90 -8.69
N SER C 67 -2.91 -18.21 -7.94
CA SER C 67 -2.88 -19.26 -6.94
C SER C 67 -1.70 -18.99 -6.04
N GLY C 68 -1.69 -19.65 -4.89
CA GLY C 68 -0.65 -19.43 -3.91
C GLY C 68 0.76 -19.62 -4.42
N THR C 69 1.60 -18.59 -4.26
CA THR C 69 3.04 -18.53 -4.53
C THR C 69 3.42 -18.41 -6.00
N ASP C 70 2.47 -18.45 -6.93
CA ASP C 70 2.81 -18.28 -8.35
C ASP C 70 1.59 -17.76 -9.10
N PHE C 71 1.68 -16.52 -9.57
CA PHE C 71 0.62 -15.88 -10.34
C PHE C 71 1.14 -15.58 -11.75
N THR C 72 0.20 -15.55 -12.72
CA THR C 72 0.59 -15.39 -14.11
C THR C 72 -0.35 -14.43 -14.81
N LEU C 73 0.21 -13.43 -15.48
CA LEU C 73 -0.57 -12.48 -16.28
C LEU C 73 -0.35 -12.76 -17.76
N SER C 74 -1.44 -12.96 -18.51
CA SER C 74 -1.35 -13.32 -19.91
C SER C 74 -2.05 -12.27 -20.77
N ILE C 75 -1.41 -11.94 -21.89
CA ILE C 75 -1.95 -11.03 -22.89
C ILE C 75 -2.25 -11.85 -24.14
N ASN C 76 -3.49 -11.80 -24.59
CA ASN C 76 -3.92 -12.46 -25.82
C ASN C 76 -4.04 -11.44 -26.94
N SER C 77 -3.51 -11.80 -28.12
CA SER C 77 -3.52 -10.92 -29.28
C SER C 77 -2.83 -9.59 -28.97
N VAL C 78 -1.53 -9.70 -28.69
CA VAL C 78 -0.72 -8.55 -28.29
C VAL C 78 -0.76 -7.49 -29.38
N GLU C 79 -1.35 -6.34 -29.07
CA GLU C 79 -1.34 -5.21 -30.00
C GLU C 79 -0.10 -4.35 -29.77
N THR C 80 0.17 -3.49 -30.75
CA THR C 80 1.40 -2.71 -30.75
C THR C 80 1.54 -1.82 -29.52
N GLU C 81 0.44 -1.52 -28.84
CA GLU C 81 0.45 -0.65 -27.67
C GLU C 81 0.58 -1.43 -26.37
N ASP C 82 1.21 -2.61 -26.40
CA ASP C 82 1.40 -3.43 -25.21
C ASP C 82 2.88 -3.63 -24.88
N PHE C 83 3.79 -3.13 -25.69
CA PHE C 83 5.21 -3.32 -25.45
C PHE C 83 5.72 -2.34 -24.39
N GLY C 84 6.77 -2.74 -23.68
CA GLY C 84 7.34 -1.92 -22.64
C GLY C 84 7.46 -2.68 -21.34
N MET C 85 7.55 -1.94 -20.24
CA MET C 85 7.80 -2.54 -18.94
C MET C 85 6.53 -3.09 -18.30
N TYR C 86 6.70 -4.11 -17.48
CA TYR C 86 5.64 -4.70 -16.69
C TYR C 86 6.19 -5.00 -15.30
N PHE C 87 5.42 -4.63 -14.27
CA PHE C 87 5.85 -4.75 -12.89
C PHE C 87 4.77 -5.42 -12.05
N CYS C 88 5.21 -6.19 -11.05
CA CYS C 88 4.34 -7.01 -10.21
C CYS C 88 4.62 -6.69 -8.74
N GLN C 89 3.56 -6.42 -7.98
CA GLN C 89 3.68 -5.95 -6.60
C GLN C 89 2.75 -6.71 -5.68
N GLN C 90 3.26 -7.15 -4.54
CA GLN C 90 2.43 -7.72 -3.48
C GLN C 90 2.04 -6.64 -2.47
N SER C 91 0.93 -6.88 -1.77
CA SER C 91 0.40 -5.86 -0.87
C SER C 91 -0.14 -6.46 0.42
N ASN C 92 0.37 -7.62 0.84
CA ASN C 92 -0.18 -8.24 2.05
C ASN C 92 0.54 -7.80 3.31
N SER C 93 1.86 -7.82 3.32
CA SER C 93 2.64 -7.61 4.53
C SER C 93 3.74 -6.57 4.30
N TRP C 94 3.89 -5.66 5.25
CA TRP C 94 4.98 -4.70 5.19
C TRP C 94 6.31 -5.44 5.23
N PRO C 95 7.25 -5.13 4.32
CA PRO C 95 7.05 -4.11 3.29
C PRO C 95 6.47 -4.67 2.00
N ARG C 96 5.76 -3.83 1.25
CA ARG C 96 5.36 -4.20 -0.10
C ARG C 96 6.62 -4.45 -0.94
N THR C 97 6.49 -5.31 -1.94
CA THR C 97 7.65 -5.68 -2.74
C THR C 97 7.25 -5.80 -4.20
N PHE C 98 8.00 -5.12 -5.07
CA PHE C 98 7.80 -5.23 -6.51
C PHE C 98 8.64 -6.36 -7.07
N GLY C 99 8.15 -6.96 -8.15
CA GLY C 99 8.83 -8.07 -8.77
C GLY C 99 10.08 -7.64 -9.53
N GLY C 100 10.70 -8.64 -10.16
CA GLY C 100 11.90 -8.40 -10.95
C GLY C 100 11.67 -7.59 -12.21
N GLY C 101 10.42 -7.43 -12.64
CA GLY C 101 10.11 -6.62 -13.81
C GLY C 101 10.41 -7.30 -15.11
N THR C 102 9.70 -6.90 -16.17
CA THR C 102 9.93 -7.44 -17.50
C THR C 102 9.85 -6.30 -18.50
N LYS C 103 10.58 -6.44 -19.62
CA LYS C 103 10.52 -5.48 -20.71
C LYS C 103 10.15 -6.23 -21.99
N LEU C 104 8.86 -6.23 -22.31
CA LEU C 104 8.37 -6.85 -23.53
C LEU C 104 8.81 -6.02 -24.74
N GLU C 105 9.56 -6.65 -25.63
CA GLU C 105 10.12 -6.03 -26.83
C GLU C 105 9.49 -6.64 -28.08
N ILE C 106 9.82 -6.07 -29.23
CA ILE C 106 9.31 -6.52 -30.51
C ILE C 106 10.24 -7.58 -31.08
N LYS C 107 9.67 -8.57 -31.76
CA LYS C 107 10.44 -9.67 -32.33
C LYS C 107 10.37 -9.63 -33.85
N ARG C 108 11.46 -10.08 -34.47
CA ARG C 108 11.56 -10.17 -35.93
C ARG C 108 12.67 -11.16 -36.27
N ALA C 109 13.09 -11.17 -37.53
CA ALA C 109 14.17 -12.05 -37.96
C ALA C 109 15.50 -11.59 -37.37
N ASP C 110 16.50 -12.47 -37.46
CA ASP C 110 17.81 -12.18 -36.90
C ASP C 110 18.55 -11.14 -37.74
N ALA C 111 19.75 -10.79 -37.30
CA ALA C 111 20.57 -9.80 -37.99
C ALA C 111 22.03 -10.02 -37.58
N ALA C 112 22.93 -9.26 -38.20
CA ALA C 112 24.35 -9.35 -37.92
C ALA C 112 24.92 -7.95 -37.72
N PRO C 113 25.77 -7.76 -36.72
CA PRO C 113 26.29 -6.41 -36.44
C PRO C 113 27.28 -5.95 -37.49
N THR C 114 27.16 -4.68 -37.87
CA THR C 114 28.11 -4.03 -38.78
C THR C 114 29.22 -3.42 -37.93
N VAL C 115 30.14 -4.28 -37.51
CA VAL C 115 31.18 -3.88 -36.57
C VAL C 115 32.15 -2.92 -37.23
N SER C 116 32.51 -1.86 -36.50
CA SER C 116 33.52 -0.92 -36.97
C SER C 116 34.28 -0.38 -35.77
N ILE C 117 35.58 -0.69 -35.71
CA ILE C 117 36.43 -0.25 -34.60
C ILE C 117 37.19 0.99 -35.02
N PHE C 118 37.28 1.97 -34.12
CA PHE C 118 37.90 3.24 -34.42
C PHE C 118 39.12 3.47 -33.52
N PRO C 119 40.14 4.16 -34.02
CA PRO C 119 41.28 4.52 -33.17
C PRO C 119 40.92 5.70 -32.28
N PRO C 120 41.72 5.97 -31.25
CA PRO C 120 41.49 7.17 -30.44
C PRO C 120 41.56 8.43 -31.29
N SER C 121 40.88 9.47 -30.80
CA SER C 121 40.76 10.71 -31.55
C SER C 121 42.07 11.50 -31.48
N SER C 122 42.35 12.23 -32.57
CA SER C 122 43.56 13.03 -32.63
C SER C 122 43.57 14.12 -31.56
N GLU C 123 42.45 14.85 -31.44
CA GLU C 123 42.32 15.85 -30.39
C GLU C 123 42.25 15.21 -29.00
N GLN C 124 41.87 13.94 -28.92
CA GLN C 124 41.83 13.24 -27.64
C GLN C 124 43.20 12.70 -27.25
N LEU C 125 44.04 12.36 -28.23
CA LEU C 125 45.36 11.82 -27.92
C LEU C 125 46.19 12.83 -27.13
N THR C 126 46.23 14.08 -27.60
CA THR C 126 46.93 15.11 -26.85
C THR C 126 46.19 15.52 -25.58
N SER C 127 44.97 15.04 -25.39
CA SER C 127 44.22 15.27 -24.16
C SER C 127 44.48 14.19 -23.12
N GLY C 128 45.23 13.15 -23.46
CA GLY C 128 45.55 12.09 -22.53
C GLY C 128 44.72 10.84 -22.73
N GLY C 129 43.42 11.02 -23.00
CA GLY C 129 42.55 9.89 -23.19
C GLY C 129 42.82 9.17 -24.50
N ALA C 130 42.66 7.85 -24.48
CA ALA C 130 42.79 7.01 -25.66
C ALA C 130 41.61 6.03 -25.66
N SER C 131 40.49 6.46 -26.23
CA SER C 131 39.28 5.65 -26.27
C SER C 131 39.19 4.95 -27.61
N VAL C 132 39.20 3.62 -27.58
CA VAL C 132 39.05 2.80 -28.77
C VAL C 132 37.59 2.35 -28.79
N VAL C 133 36.75 3.13 -29.46
CA VAL C 133 35.33 2.82 -29.55
C VAL C 133 35.11 1.81 -30.67
N CYS C 134 34.18 0.89 -30.46
CA CYS C 134 33.89 -0.17 -31.43
C CYS C 134 32.37 -0.26 -31.62
N PHE C 135 31.86 0.40 -32.65
CA PHE C 135 30.43 0.42 -32.90
C PHE C 135 29.97 -0.94 -33.41
N LEU C 136 28.92 -1.47 -32.78
CA LEU C 136 28.24 -2.69 -33.21
C LEU C 136 26.80 -2.29 -33.52
N ASN C 137 26.52 -2.01 -34.79
CA ASN C 137 25.24 -1.45 -35.19
C ASN C 137 24.40 -2.49 -35.92
N ASN C 138 23.08 -2.43 -35.68
CA ASN C 138 22.09 -3.23 -36.40
C ASN C 138 22.33 -4.74 -36.23
N PHE C 139 22.19 -5.20 -34.98
CA PHE C 139 22.25 -6.62 -34.68
C PHE C 139 20.95 -7.08 -34.02
N TYR C 140 20.77 -8.39 -33.99
CA TYR C 140 19.60 -9.01 -33.38
C TYR C 140 19.92 -10.46 -33.10
N PRO C 141 19.56 -11.00 -31.92
CA PRO C 141 18.86 -10.33 -30.82
C PRO C 141 19.76 -9.39 -30.02
N LYS C 142 19.23 -8.92 -28.90
CA LYS C 142 19.95 -7.91 -28.11
C LYS C 142 21.22 -8.49 -27.49
N ASP C 143 21.15 -9.71 -26.96
CA ASP C 143 22.27 -10.26 -26.20
C ASP C 143 23.47 -10.49 -27.12
N ILE C 144 24.56 -9.76 -26.84
CA ILE C 144 25.83 -9.91 -27.52
C ILE C 144 26.91 -10.01 -26.46
N ASN C 145 28.01 -10.70 -26.78
CA ASN C 145 29.18 -10.68 -25.92
C ASN C 145 30.31 -9.99 -26.70
N VAL C 146 30.46 -8.69 -26.48
CA VAL C 146 31.59 -7.96 -27.05
C VAL C 146 32.79 -8.14 -26.15
N LYS C 147 33.98 -8.22 -26.75
CA LYS C 147 35.19 -8.49 -26.01
C LYS C 147 36.35 -7.70 -26.60
N TRP C 148 37.22 -7.22 -25.72
CA TRP C 148 38.42 -6.48 -26.09
C TRP C 148 39.65 -7.35 -25.86
N LYS C 149 40.58 -7.31 -26.81
CA LYS C 149 41.83 -8.05 -26.70
C LYS C 149 42.98 -7.08 -26.88
N ILE C 150 43.77 -6.90 -25.83
CA ILE C 150 44.97 -6.06 -25.85
C ILE C 150 46.16 -7.00 -25.90
N ASP C 151 46.80 -7.11 -27.07
CA ASP C 151 47.91 -8.03 -27.29
C ASP C 151 47.53 -9.46 -26.92
N GLY C 152 46.35 -9.88 -27.34
CA GLY C 152 45.85 -11.20 -27.01
C GLY C 152 45.17 -11.27 -25.65
N SER C 153 45.78 -10.63 -24.66
CA SER C 153 45.22 -10.62 -23.32
C SER C 153 43.87 -9.90 -23.31
N GLU C 154 42.86 -10.56 -22.75
CA GLU C 154 41.53 -9.98 -22.69
C GLU C 154 41.52 -8.74 -21.80
N ARG C 155 40.47 -7.94 -21.96
CA ARG C 155 40.25 -6.74 -21.15
C ARG C 155 38.78 -6.74 -20.72
N GLN C 156 38.51 -7.36 -19.58
CA GLN C 156 37.15 -7.40 -19.06
C GLN C 156 36.77 -6.12 -18.32
N ASN C 157 37.76 -5.43 -17.75
CA ASN C 157 37.54 -4.17 -17.05
C ASN C 157 38.19 -3.03 -17.83
N GLY C 158 37.71 -1.81 -17.55
CA GLY C 158 38.06 -0.65 -18.35
C GLY C 158 37.16 -0.41 -19.53
N VAL C 159 36.34 -1.40 -19.91
CA VAL C 159 35.39 -1.25 -21.01
C VAL C 159 34.16 -0.53 -20.51
N LEU C 160 33.32 -0.07 -21.43
CA LEU C 160 32.06 0.57 -21.07
C LEU C 160 31.07 0.38 -22.20
N ASN C 161 29.96 -0.28 -21.90
CA ASN C 161 28.95 -0.63 -22.89
C ASN C 161 27.72 0.26 -22.75
N SER C 162 27.05 0.51 -23.87
CA SER C 162 25.78 1.22 -23.89
C SER C 162 24.93 0.66 -25.02
N TRP C 163 23.62 0.66 -24.81
CA TRP C 163 22.67 0.07 -25.75
C TRP C 163 21.51 1.03 -25.98
N THR C 164 21.06 1.12 -27.23
CA THR C 164 19.90 1.94 -27.54
C THR C 164 18.62 1.15 -27.30
N ASP C 165 17.50 1.88 -27.24
CA ASP C 165 16.21 1.21 -27.26
C ASP C 165 15.99 0.54 -28.61
N GLN C 166 15.00 -0.35 -28.67
CA GLN C 166 14.68 -1.03 -29.91
C GLN C 166 14.41 -0.01 -31.01
N ASP C 167 15.23 -0.08 -32.07
CA ASP C 167 15.28 0.99 -33.06
C ASP C 167 13.91 1.26 -33.67
N SER C 168 13.57 2.54 -33.77
CA SER C 168 12.27 2.95 -34.30
C SER C 168 12.09 2.56 -35.76
N LYS C 169 13.18 2.37 -36.50
CA LYS C 169 13.06 2.12 -37.93
C LYS C 169 12.68 0.67 -38.22
N ASP C 170 13.50 -0.29 -37.78
CA ASP C 170 13.27 -1.68 -38.15
C ASP C 170 13.49 -2.63 -36.99
N SER C 171 13.30 -2.17 -35.75
CA SER C 171 13.34 -3.00 -34.55
C SER C 171 14.64 -3.82 -34.48
N THR C 172 15.76 -3.10 -34.47
CA THR C 172 17.07 -3.73 -34.48
C THR C 172 17.97 -3.01 -33.49
N TYR C 173 18.58 -3.76 -32.58
CA TYR C 173 19.37 -3.17 -31.51
C TYR C 173 20.80 -2.88 -31.96
N SER C 174 21.27 -1.69 -31.60
CA SER C 174 22.66 -1.29 -31.82
C SER C 174 23.28 -0.87 -30.49
N MET C 175 24.59 -1.06 -30.37
CA MET C 175 25.29 -0.79 -29.12
C MET C 175 26.62 -0.12 -29.40
N SER C 176 27.28 0.28 -28.32
CA SER C 176 28.60 0.88 -28.38
C SER C 176 29.42 0.39 -27.21
N SER C 177 30.72 0.18 -27.45
CA SER C 177 31.63 -0.33 -26.42
C SER C 177 32.92 0.48 -26.50
N THR C 178 33.10 1.40 -25.57
CA THR C 178 34.32 2.19 -25.50
C THR C 178 35.34 1.51 -24.60
N LEU C 179 36.61 1.73 -24.90
CA LEU C 179 37.73 1.15 -24.15
C LEU C 179 38.67 2.29 -23.78
N THR C 180 38.39 2.94 -22.66
CA THR C 180 39.20 4.08 -22.21
C THR C 180 40.50 3.59 -21.60
N LEU C 181 41.59 4.29 -21.92
CA LEU C 181 42.91 3.92 -21.43
C LEU C 181 43.67 5.18 -21.03
N THR C 182 44.75 4.96 -20.29
CA THR C 182 45.69 6.02 -19.96
C THR C 182 46.79 6.06 -21.01
N LYS C 183 47.87 6.79 -20.75
CA LYS C 183 48.96 6.88 -21.72
C LYS C 183 49.77 5.58 -21.75
N ASP C 184 50.14 5.05 -20.59
CA ASP C 184 50.95 3.84 -20.55
C ASP C 184 50.14 2.63 -21.00
N GLU C 185 48.89 2.53 -20.58
CA GLU C 185 48.05 1.42 -21.02
C GLU C 185 47.84 1.42 -22.53
N TYR C 186 48.01 2.56 -23.19
CA TYR C 186 47.89 2.64 -24.64
C TYR C 186 49.23 2.52 -25.36
N GLU C 187 50.34 2.82 -24.69
CA GLU C 187 51.65 2.75 -25.32
C GLU C 187 52.45 1.50 -24.96
N ARG C 188 52.17 0.88 -23.81
CA ARG C 188 52.87 -0.35 -23.44
C ARG C 188 52.53 -1.49 -24.39
N HIS C 189 51.34 -1.49 -24.97
CA HIS C 189 50.83 -2.58 -25.76
C HIS C 189 50.81 -2.19 -27.24
N ASN C 190 50.32 -3.11 -28.08
CA ASN C 190 50.52 -2.97 -29.52
C ASN C 190 49.24 -3.10 -30.33
N SER C 191 48.28 -3.90 -29.88
CA SER C 191 47.11 -4.23 -30.69
C SER C 191 45.83 -4.06 -29.87
N TYR C 192 44.72 -3.93 -30.60
CA TYR C 192 43.39 -3.78 -29.99
C TYR C 192 42.38 -4.49 -30.90
N THR C 193 41.94 -5.67 -30.47
CA THR C 193 40.99 -6.47 -31.23
C THR C 193 39.61 -6.37 -30.60
N CYS C 194 38.61 -6.01 -31.40
CA CYS C 194 37.22 -5.93 -30.96
C CYS C 194 36.48 -7.13 -31.55
N GLU C 195 36.12 -8.08 -30.68
CA GLU C 195 35.36 -9.26 -31.09
C GLU C 195 33.93 -9.14 -30.60
N ALA C 196 33.02 -9.81 -31.29
CA ALA C 196 31.63 -9.88 -30.87
C ALA C 196 31.13 -11.30 -31.10
N THR C 197 30.97 -12.06 -30.02
CA THR C 197 30.33 -13.37 -30.11
C THR C 197 28.81 -13.16 -30.06
N HIS C 198 28.12 -13.79 -31.01
CA HIS C 198 26.71 -13.52 -31.26
C HIS C 198 26.05 -14.82 -31.71
N LYS C 199 24.72 -14.86 -31.55
CA LYS C 199 23.96 -16.07 -31.86
C LYS C 199 24.02 -16.41 -33.34
N THR C 200 23.93 -15.41 -34.20
CA THR C 200 23.80 -15.63 -35.64
C THR C 200 25.10 -16.06 -36.32
N SER C 201 26.17 -16.29 -35.56
CA SER C 201 27.44 -16.71 -36.15
C SER C 201 28.23 -17.51 -35.12
N THR C 202 28.57 -18.75 -35.47
CA THR C 202 29.43 -19.54 -34.59
C THR C 202 30.80 -18.88 -34.42
N SER C 203 31.27 -18.17 -35.44
CA SER C 203 32.51 -17.41 -35.36
C SER C 203 32.19 -15.98 -34.99
N PRO C 204 32.83 -15.43 -33.94
CA PRO C 204 32.56 -14.04 -33.56
C PRO C 204 33.02 -13.08 -34.63
N ILE C 205 32.23 -12.03 -34.84
CA ILE C 205 32.58 -11.01 -35.83
C ILE C 205 33.66 -10.12 -35.24
N VAL C 206 34.77 -10.00 -35.95
CA VAL C 206 35.99 -9.41 -35.42
C VAL C 206 36.42 -8.23 -36.29
N LYS C 207 36.86 -7.15 -35.64
CA LYS C 207 37.51 -6.04 -36.31
C LYS C 207 38.73 -5.64 -35.48
N SER C 208 39.67 -4.94 -36.14
CA SER C 208 40.92 -4.62 -35.46
C SER C 208 41.63 -3.50 -36.20
N PHE C 209 42.48 -2.78 -35.46
CA PHE C 209 43.43 -1.83 -36.01
C PHE C 209 44.72 -1.95 -35.22
N ASN C 210 45.77 -1.30 -35.72
CA ASN C 210 47.06 -1.33 -35.04
C ASN C 210 47.68 0.06 -35.09
N ARG C 211 48.58 0.32 -34.13
CA ARG C 211 49.08 1.66 -33.90
C ARG C 211 49.88 2.17 -35.10
N ASN C 212 50.97 1.49 -35.44
CA ASN C 212 51.84 1.93 -36.52
C ASN C 212 51.16 1.64 -37.85
N GLU C 213 50.82 2.69 -38.58
CA GLU C 213 50.19 2.55 -39.89
C GLU C 213 50.32 3.85 -40.69
OS OS D . -43.73 2.03 45.21
OS OS E . -26.54 9.73 48.51
OS OS F . 19.41 0.58 -3.52
#